data_8QZB
#
_entry.id   8QZB
#
_cell.length_a   66.182
_cell.length_b   74.777
_cell.length_c   78.172
_cell.angle_alpha   109.074
_cell.angle_beta   107.882
_cell.angle_gamma   95.560
#
_symmetry.space_group_name_H-M   'P 1'
#
loop_
_entity.id
_entity.type
_entity.pdbx_description
1 polymer 'D-2-hydroxyacid dehydrogenase'
2 non-polymer NICOTINAMIDE-ADENINE-DINUCLEOTIDE
3 non-polymer '2-Ketohexanoic acid'
4 non-polymer 'ACETATE ION'
5 non-polymer 'MAGNESIUM ION'
6 non-polymer 'SODIUM ION'
7 non-polymer 'CHLORIDE ION'
8 water water
#
_entity_poly.entity_id   1
_entity_poly.type   'polypeptide(L)'
_entity_poly.pdbx_seq_one_letter_code
;MHIERLAVDESVGRAMPPQRFIEALSDLGVPVEFAGEDEQFGPGDAVASFGHRDAFLDADWVHCIRAGYDEFPVGVYEEA
GTYLTNSTGIHGTTVGETVAGYMLTFARRLHAYRDAQHDHAWDLPRYEEPFTLAGERVCVVGLGTLGRGVVDRAAALGME
VVGVRRSGDPVDNVSTVYTPDRLHEAIADARFVVLATPLTDETEGMVAAPEFETMREDASLVNVARGPVVVESDLVAALD
SGDIAGAALDVFSEEPLPEDSPLWDFEDVLITPHVSAATSKYHEDVAALIRENIEKIATGDELTNRVV
;
_entity_poly.pdbx_strand_id   A,B,C,D
#
# COMPACT_ATOMS: atom_id res chain seq x y z
N MET A 1 37.99 -21.34 6.53
CA MET A 1 38.31 -22.78 6.70
C MET A 1 37.88 -23.53 5.42
N HIS A 2 37.81 -24.87 5.45
CA HIS A 2 37.61 -25.67 4.26
C HIS A 2 36.72 -26.86 4.61
N ILE A 3 35.49 -26.89 4.06
CA ILE A 3 34.57 -27.99 4.31
C ILE A 3 34.65 -29.01 3.18
N GLU A 4 34.83 -30.28 3.57
CA GLU A 4 34.95 -31.38 2.63
C GLU A 4 33.68 -32.21 2.54
N ARG A 5 32.79 -32.14 3.54
CA ARG A 5 31.52 -32.82 3.44
C ARG A 5 30.59 -32.26 4.50
N LEU A 6 29.30 -32.44 4.24
CA LEU A 6 28.25 -32.15 5.20
C LEU A 6 27.60 -33.47 5.63
N ALA A 7 27.78 -33.81 6.91
CA ALA A 7 27.12 -34.96 7.52
C ALA A 7 25.77 -34.47 8.03
N VAL A 8 24.72 -35.24 7.74
CA VAL A 8 23.36 -34.95 8.17
C VAL A 8 23.02 -35.98 9.25
N ASP A 9 23.10 -35.54 10.50
CA ASP A 9 22.79 -36.40 11.63
C ASP A 9 21.34 -36.89 11.53
N GLU A 10 21.11 -38.16 11.87
CA GLU A 10 19.76 -38.72 11.84
C GLU A 10 18.75 -37.94 12.69
N SER A 11 19.21 -37.23 13.75
CA SER A 11 18.31 -36.43 14.55
C SER A 11 17.54 -35.37 13.78
N VAL A 12 18.01 -34.94 12.60
CA VAL A 12 17.24 -34.00 11.81
C VAL A 12 15.83 -34.52 11.52
N GLY A 13 15.65 -35.85 11.57
CA GLY A 13 14.35 -36.49 11.40
C GLY A 13 13.27 -36.03 12.36
N ARG A 14 13.68 -35.41 13.47
CA ARG A 14 12.72 -34.79 14.38
C ARG A 14 11.97 -33.64 13.74
N ALA A 15 12.52 -33.01 12.68
CA ALA A 15 11.87 -31.94 11.95
C ALA A 15 11.67 -32.26 10.46
N MET A 16 12.52 -33.10 9.84
CA MET A 16 12.42 -33.34 8.40
C MET A 16 13.11 -34.67 8.08
N PRO A 17 12.66 -35.40 7.06
CA PRO A 17 13.32 -36.65 6.68
C PRO A 17 14.74 -36.32 6.24
N PRO A 18 15.76 -36.97 6.82
CA PRO A 18 17.13 -36.66 6.42
C PRO A 18 17.37 -36.79 4.91
N GLN A 19 16.78 -37.82 4.27
CA GLN A 19 16.99 -38.01 2.83
C GLN A 19 16.46 -36.84 2.00
N ARG A 20 15.38 -36.22 2.43
CA ARG A 20 14.87 -35.08 1.68
C ARG A 20 15.87 -33.92 1.73
N PHE A 21 16.44 -33.66 2.91
CA PHE A 21 17.44 -32.60 3.10
C PHE A 21 18.73 -32.92 2.31
N ILE A 22 19.21 -34.16 2.42
CA ILE A 22 20.42 -34.58 1.72
C ILE A 22 20.24 -34.32 0.22
N GLU A 23 19.13 -34.77 -0.35
CA GLU A 23 18.94 -34.66 -1.80
C GLU A 23 18.74 -33.21 -2.21
N ALA A 24 18.15 -32.38 -1.34
CA ALA A 24 17.95 -30.96 -1.61
C ALA A 24 19.28 -30.23 -1.77
N LEU A 25 20.34 -30.79 -1.16
CA LEU A 25 21.69 -30.22 -1.21
C LEU A 25 22.64 -30.92 -2.19
N SER A 26 22.09 -31.58 -3.21
CA SER A 26 22.89 -32.31 -4.17
C SER A 26 23.84 -31.43 -4.97
N ASP A 27 23.53 -30.13 -5.09
CA ASP A 27 24.31 -29.19 -5.90
C ASP A 27 25.11 -28.22 -5.05
N LEU A 28 25.24 -28.52 -3.75
CA LEU A 28 25.87 -27.61 -2.82
C LEU A 28 27.33 -27.30 -3.15
N GLY A 29 28.06 -28.25 -3.71
CA GLY A 29 29.48 -28.07 -3.95
C GLY A 29 30.41 -28.82 -3.03
N VAL A 30 29.84 -29.50 -2.03
CA VAL A 30 30.52 -30.52 -1.22
C VAL A 30 29.53 -31.68 -1.09
N PRO A 31 30.02 -32.92 -0.92
CA PRO A 31 29.12 -34.04 -0.75
C PRO A 31 28.37 -33.95 0.56
N VAL A 32 27.15 -34.51 0.54
CA VAL A 32 26.26 -34.50 1.69
C VAL A 32 25.86 -35.94 1.98
N GLU A 33 25.98 -36.38 3.23
CA GLU A 33 25.83 -37.78 3.57
C GLU A 33 25.06 -37.95 4.88
N PHE A 34 24.22 -39.00 4.94
CA PHE A 34 23.55 -39.44 6.15
C PHE A 34 24.60 -39.80 7.19
N ALA A 35 24.37 -39.42 8.45
CA ALA A 35 25.22 -39.84 9.57
C ALA A 35 24.35 -40.41 10.68
N GLY A 36 24.63 -41.65 11.06
CA GLY A 36 23.97 -42.28 12.19
C GLY A 36 24.54 -41.78 13.52
N GLU A 37 23.84 -42.08 14.63
CA GLU A 37 24.13 -41.49 15.92
C GLU A 37 25.48 -41.88 16.54
N ASP A 38 26.18 -42.90 16.01
CA ASP A 38 27.42 -43.39 16.60
C ASP A 38 28.59 -43.10 15.68
N GLU A 39 28.51 -42.05 14.86
CA GLU A 39 29.59 -41.77 13.94
C GLU A 39 30.61 -40.81 14.51
N GLN A 40 31.82 -40.92 13.96
CA GLN A 40 32.96 -40.09 14.31
C GLN A 40 33.14 -39.05 13.21
N PHE A 41 33.70 -37.91 13.60
CA PHE A 41 33.90 -36.77 12.73
C PHE A 41 35.37 -36.37 12.82
N GLY A 42 35.76 -35.50 11.89
CA GLY A 42 37.12 -35.06 11.82
C GLY A 42 37.28 -33.73 11.04
N PRO A 43 38.54 -33.26 10.87
CA PRO A 43 38.81 -32.04 10.10
C PRO A 43 38.12 -32.08 8.73
N GLY A 44 37.54 -30.95 8.35
CA GLY A 44 36.83 -30.82 7.09
C GLY A 44 35.33 -31.11 7.21
N ASP A 45 34.86 -31.67 8.34
CA ASP A 45 33.46 -32.04 8.43
C ASP A 45 32.64 -30.88 8.96
N ALA A 46 31.47 -30.68 8.30
CA ALA A 46 30.35 -29.93 8.84
C ALA A 46 29.27 -30.94 9.20
N VAL A 47 28.46 -30.62 10.21
CA VAL A 47 27.38 -31.50 10.66
C VAL A 47 26.12 -30.66 10.82
N ALA A 48 25.00 -31.12 10.23
CA ALA A 48 23.70 -30.56 10.52
C ALA A 48 23.01 -31.50 11.49
N SER A 49 22.43 -30.96 12.56
CA SER A 49 21.82 -31.75 13.61
C SER A 49 20.69 -30.99 14.30
N PHE A 50 19.77 -31.79 14.90
CA PHE A 50 18.73 -31.29 15.79
C PHE A 50 19.29 -30.96 17.18
N GLY A 51 19.97 -31.92 17.76
CA GLY A 51 20.57 -31.77 19.08
C GLY A 51 22.07 -32.00 19.02
N HIS A 52 22.65 -31.93 20.22
CA HIS A 52 24.10 -31.95 20.41
C HIS A 52 24.57 -33.39 20.66
N ARG A 53 25.72 -33.73 20.09
CA ARG A 53 26.48 -34.91 20.45
C ARG A 53 27.93 -34.50 20.67
N ASP A 54 28.59 -35.09 21.70
CA ASP A 54 29.98 -34.79 21.96
C ASP A 54 30.88 -35.13 20.76
N ALA A 55 30.53 -36.18 19.98
CA ALA A 55 31.29 -36.53 18.77
C ALA A 55 31.44 -35.36 17.81
N PHE A 56 30.45 -34.44 17.78
CA PHE A 56 30.49 -33.29 16.85
C PHE A 56 31.62 -32.32 17.17
N LEU A 57 32.21 -32.39 18.38
CA LEU A 57 33.29 -31.48 18.74
C LEU A 57 34.60 -31.78 17.99
N ASP A 58 34.70 -32.91 17.28
CA ASP A 58 35.80 -33.15 16.35
C ASP A 58 35.57 -32.56 14.96
N ALA A 59 34.35 -32.09 14.67
CA ALA A 59 34.07 -31.48 13.37
C ALA A 59 34.47 -30.00 13.43
N ASP A 60 34.48 -29.34 12.27
CA ASP A 60 34.84 -27.93 12.17
C ASP A 60 33.62 -27.05 12.41
N TRP A 61 32.41 -27.53 12.10
CA TRP A 61 31.23 -26.69 12.10
C TRP A 61 30.01 -27.56 12.33
N VAL A 62 29.12 -27.14 13.25
CA VAL A 62 27.83 -27.74 13.52
C VAL A 62 26.78 -26.68 13.22
N HIS A 63 25.82 -27.03 12.38
CA HIS A 63 24.61 -26.28 12.12
C HIS A 63 23.42 -26.93 12.83
N CYS A 64 22.94 -26.24 13.90
CA CYS A 64 21.69 -26.61 14.55
C CYS A 64 20.50 -26.23 13.68
N ILE A 65 19.64 -27.23 13.36
CA ILE A 65 18.52 -27.06 12.42
C ILE A 65 17.32 -26.41 13.12
N ARG A 66 17.46 -25.94 14.37
CA ARG A 66 16.41 -25.21 15.09
C ARG A 66 16.86 -23.76 15.30
N ALA A 67 15.91 -22.87 15.57
CA ALA A 67 16.23 -21.49 15.94
C ALA A 67 16.77 -21.49 17.35
N GLY A 68 16.09 -22.23 18.21
CA GLY A 68 16.46 -22.21 19.61
C GLY A 68 17.63 -23.14 19.87
N TYR A 69 18.66 -22.57 20.52
CA TYR A 69 19.92 -23.26 20.74
C TYR A 69 20.19 -23.40 22.24
N ASP A 70 19.15 -23.20 23.05
CA ASP A 70 19.30 -23.23 24.49
C ASP A 70 19.64 -24.64 25.05
N GLU A 71 19.54 -25.71 24.25
CA GLU A 71 19.95 -27.06 24.67
C GLU A 71 21.33 -27.48 24.15
N PHE A 72 22.10 -26.52 23.62
CA PHE A 72 23.47 -26.77 23.20
C PHE A 72 24.42 -26.19 24.26
N PRO A 73 25.52 -26.92 24.60
CA PRO A 73 26.53 -26.42 25.55
C PRO A 73 27.50 -25.49 24.85
N VAL A 74 27.15 -24.20 24.72
CA VAL A 74 27.90 -23.24 23.90
C VAL A 74 29.38 -23.18 24.34
N GLY A 75 29.64 -23.28 25.66
CA GLY A 75 30.99 -23.20 26.21
C GLY A 75 31.97 -24.26 25.68
N VAL A 76 31.50 -25.51 25.57
CA VAL A 76 32.30 -26.64 25.11
C VAL A 76 32.68 -26.49 23.62
N TYR A 77 31.80 -25.88 22.81
CA TYR A 77 32.11 -25.59 21.41
C TYR A 77 33.28 -24.61 21.28
N GLU A 78 33.24 -23.52 22.07
CA GLU A 78 34.30 -22.51 22.13
C GLU A 78 35.65 -23.21 22.33
N GLU A 79 35.74 -24.02 23.39
CA GLU A 79 36.96 -24.70 23.79
C GLU A 79 37.46 -25.63 22.68
N ALA A 80 36.53 -26.31 21.98
CA ALA A 80 36.91 -27.25 20.94
C ALA A 80 37.30 -26.55 19.63
N GLY A 81 36.98 -25.25 19.46
CA GLY A 81 37.19 -24.56 18.20
C GLY A 81 36.21 -24.99 17.10
N THR A 82 35.04 -25.52 17.50
CA THR A 82 34.00 -25.93 16.58
C THR A 82 32.96 -24.81 16.48
N TYR A 83 32.72 -24.35 15.25
CA TYR A 83 31.71 -23.33 15.03
C TYR A 83 30.33 -23.93 15.26
N LEU A 84 29.42 -23.09 15.78
CA LEU A 84 28.02 -23.47 15.94
C LEU A 84 27.14 -22.35 15.39
N THR A 85 26.25 -22.71 14.49
CA THR A 85 25.26 -21.79 13.95
C THR A 85 23.86 -22.34 14.27
N ASN A 86 22.84 -21.47 14.25
CA ASN A 86 21.46 -21.87 14.42
CA ASN A 86 21.46 -21.90 14.41
C ASN A 86 20.63 -21.51 13.19
N SER A 87 19.35 -21.86 13.23
CA SER A 87 18.46 -21.66 12.12
C SER A 87 17.47 -20.50 12.30
N THR A 88 17.77 -19.52 13.13
CA THR A 88 16.93 -18.33 13.18
CA THR A 88 16.96 -18.31 13.18
C THR A 88 16.83 -17.70 11.78
N GLY A 89 15.66 -17.13 11.51
CA GLY A 89 15.40 -16.42 10.28
C GLY A 89 14.45 -17.13 9.35
N ILE A 90 14.14 -18.40 9.59
CA ILE A 90 13.43 -19.22 8.61
C ILE A 90 12.01 -19.59 9.05
N HIS A 91 11.59 -19.19 10.26
CA HIS A 91 10.33 -19.64 10.81
C HIS A 91 9.24 -18.57 10.86
N GLY A 92 9.46 -17.41 10.21
CA GLY A 92 8.51 -16.33 10.33
C GLY A 92 7.18 -16.57 9.65
N THR A 93 7.23 -17.20 8.48
CA THR A 93 5.97 -17.48 7.76
C THR A 93 5.18 -18.59 8.46
N THR A 94 5.84 -19.71 8.76
CA THR A 94 5.11 -20.82 9.38
C THR A 94 4.52 -20.43 10.74
N VAL A 95 5.36 -19.85 11.60
CA VAL A 95 4.89 -19.46 12.95
C VAL A 95 3.88 -18.34 12.84
N GLY A 96 4.18 -17.35 11.97
CA GLY A 96 3.23 -16.25 11.78
C GLY A 96 1.85 -16.72 11.37
N GLU A 97 1.84 -17.67 10.41
CA GLU A 97 0.57 -18.25 9.98
C GLU A 97 -0.11 -19.03 11.12
N THR A 98 0.66 -19.85 11.83
CA THR A 98 0.05 -20.61 12.90
C THR A 98 -0.61 -19.67 13.91
N VAL A 99 0.10 -18.61 14.29
CA VAL A 99 -0.42 -17.69 15.30
C VAL A 99 -1.64 -16.95 14.77
N ALA A 100 -1.59 -16.49 13.52
CA ALA A 100 -2.81 -15.93 12.92
C ALA A 100 -3.96 -16.95 13.00
N GLY A 101 -3.65 -18.23 12.70
CA GLY A 101 -4.64 -19.27 12.81
C GLY A 101 -5.19 -19.45 14.25
N TYR A 102 -4.32 -19.37 15.26
CA TYR A 102 -4.80 -19.45 16.64
C TYR A 102 -5.75 -18.28 16.93
N MET A 103 -5.35 -17.07 16.53
CA MET A 103 -6.14 -15.91 16.87
C MET A 103 -7.50 -15.94 16.17
N LEU A 104 -7.47 -16.33 14.87
CA LEU A 104 -8.73 -16.45 14.13
C LEU A 104 -9.61 -17.57 14.69
N THR A 105 -8.98 -18.64 15.14
CA THR A 105 -9.73 -19.72 15.77
C THR A 105 -10.50 -19.20 16.97
N PHE A 106 -9.82 -18.43 17.84
CA PHE A 106 -10.51 -17.85 18.98
C PHE A 106 -11.57 -16.84 18.60
N ALA A 107 -11.24 -15.94 17.66
CA ALA A 107 -12.20 -14.89 17.32
C ALA A 107 -13.46 -15.49 16.70
N ARG A 108 -13.25 -16.46 15.78
CA ARG A 108 -14.35 -16.98 14.99
C ARG A 108 -14.96 -18.26 15.57
N ARG A 109 -14.39 -18.77 16.69
CA ARG A 109 -14.89 -19.88 17.50
C ARG A 109 -14.73 -21.22 16.82
N LEU A 110 -13.76 -21.35 15.93
CA LEU A 110 -13.59 -22.56 15.15
C LEU A 110 -13.38 -23.82 15.99
N HIS A 111 -12.63 -23.70 17.07
CA HIS A 111 -12.36 -24.84 17.95
C HIS A 111 -13.63 -25.38 18.60
N ALA A 112 -14.52 -24.46 19.01
CA ALA A 112 -15.79 -24.86 19.58
C ALA A 112 -16.65 -25.59 18.55
N TYR A 113 -16.63 -25.10 17.32
CA TYR A 113 -17.36 -25.80 16.28
C TYR A 113 -16.76 -27.16 15.97
N ARG A 114 -15.44 -27.33 16.04
CA ARG A 114 -14.83 -28.60 15.82
C ARG A 114 -15.26 -29.60 16.91
N ASP A 115 -15.29 -29.13 18.16
CA ASP A 115 -15.74 -29.97 19.25
C ASP A 115 -17.17 -30.45 18.99
N ALA A 116 -18.06 -29.54 18.54
CA ALA A 116 -19.45 -29.85 18.27
C ALA A 116 -19.54 -30.85 17.10
N GLN A 117 -18.63 -30.73 16.13
CA GLN A 117 -18.65 -31.62 14.95
C GLN A 117 -18.51 -33.08 15.38
N HIS A 118 -17.63 -33.34 16.36
CA HIS A 118 -17.49 -34.70 16.88
C HIS A 118 -18.80 -35.28 17.42
N ASP A 119 -19.68 -34.41 17.94
CA ASP A 119 -20.93 -34.83 18.53
C ASP A 119 -22.11 -34.68 17.58
N HIS A 120 -21.87 -34.32 16.30
CA HIS A 120 -22.95 -34.10 15.34
C HIS A 120 -23.96 -33.06 15.88
N ALA A 121 -23.42 -32.03 16.56
CA ALA A 121 -24.24 -31.03 17.22
C ALA A 121 -24.15 -29.71 16.48
N TRP A 122 -25.31 -29.16 16.13
CA TRP A 122 -25.43 -27.85 15.53
C TRP A 122 -25.57 -26.83 16.65
N ASP A 123 -24.43 -26.37 17.15
CA ASP A 123 -24.44 -25.64 18.42
C ASP A 123 -24.10 -24.19 18.10
N LEU A 124 -24.98 -23.26 18.43
CA LEU A 124 -24.74 -21.88 18.06
C LEU A 124 -24.00 -21.18 19.19
N PRO A 125 -23.05 -20.31 18.87
CA PRO A 125 -22.30 -19.64 19.93
C PRO A 125 -23.20 -18.67 20.68
N ARG A 126 -22.80 -18.32 21.90
CA ARG A 126 -23.40 -17.19 22.56
C ARG A 126 -23.20 -15.94 21.68
N TYR A 127 -24.14 -15.00 21.74
CA TYR A 127 -24.07 -13.83 20.87
C TYR A 127 -22.77 -13.07 21.07
N GLU A 128 -22.29 -12.99 22.32
CA GLU A 128 -21.10 -12.22 22.61
C GLU A 128 -19.81 -12.93 22.25
N GLU A 129 -19.84 -14.20 21.86
CA GLU A 129 -18.60 -14.94 21.65
C GLU A 129 -17.86 -14.58 20.37
N PRO A 130 -18.49 -14.56 19.19
CA PRO A 130 -17.76 -14.30 17.95
C PRO A 130 -17.39 -12.82 17.80
N PHE A 131 -16.14 -12.58 17.43
CA PHE A 131 -15.69 -11.21 17.22
C PHE A 131 -14.70 -11.19 16.04
N THR A 132 -14.25 -9.99 15.67
CA THR A 132 -13.25 -9.87 14.60
C THR A 132 -11.92 -9.45 15.15
N LEU A 133 -10.86 -10.03 14.62
CA LEU A 133 -9.53 -9.54 14.90
C LEU A 133 -9.33 -8.10 14.49
N ALA A 134 -9.98 -7.70 13.38
CA ALA A 134 -9.90 -6.30 13.00
C ALA A 134 -10.31 -5.42 14.18
N GLY A 135 -9.44 -4.46 14.53
CA GLY A 135 -9.64 -3.53 15.61
C GLY A 135 -9.26 -4.02 17.00
N GLU A 136 -8.89 -5.28 17.16
CA GLU A 136 -8.43 -5.82 18.44
C GLU A 136 -6.93 -5.63 18.58
N ARG A 137 -6.45 -5.62 19.82
CA ARG A 137 -5.05 -5.38 20.17
C ARG A 137 -4.33 -6.68 20.43
N VAL A 138 -3.13 -6.79 19.85
CA VAL A 138 -2.22 -7.89 20.17
C VAL A 138 -0.89 -7.28 20.62
N CYS A 139 -0.30 -7.88 21.69
CA CYS A 139 1.03 -7.53 22.13
C CYS A 139 1.95 -8.71 21.81
N VAL A 140 3.00 -8.46 21.05
CA VAL A 140 3.97 -9.46 20.67
C VAL A 140 5.25 -9.22 21.48
N VAL A 141 5.61 -10.17 22.34
CA VAL A 141 6.75 -10.14 23.22
C VAL A 141 7.88 -10.89 22.51
N GLY A 142 8.91 -10.15 22.08
CA GLY A 142 9.97 -10.64 21.26
C GLY A 142 9.65 -10.27 19.80
N LEU A 143 10.52 -9.42 19.19
CA LEU A 143 10.27 -8.86 17.86
C LEU A 143 11.42 -9.19 16.92
N GLY A 144 11.78 -10.48 16.90
CA GLY A 144 12.71 -11.03 15.92
C GLY A 144 11.95 -11.74 14.80
N THR A 145 12.48 -12.86 14.28
CA THR A 145 11.86 -13.52 13.15
C THR A 145 10.43 -13.95 13.46
N LEU A 146 10.24 -14.70 14.56
CA LEU A 146 8.89 -15.16 14.88
C LEU A 146 8.00 -13.96 15.14
N GLY A 147 8.47 -13.03 16.00
CA GLY A 147 7.60 -11.96 16.41
C GLY A 147 7.17 -11.14 15.18
N ARG A 148 8.12 -10.79 14.30
CA ARG A 148 7.79 -10.01 13.12
C ARG A 148 6.83 -10.74 12.19
N GLY A 149 6.98 -12.07 12.09
CA GLY A 149 6.04 -12.88 11.32
C GLY A 149 4.60 -12.79 11.81
N VAL A 150 4.48 -12.76 13.14
CA VAL A 150 3.19 -12.57 13.78
C VAL A 150 2.68 -11.15 13.59
N VAL A 151 3.53 -10.14 13.86
CA VAL A 151 3.21 -8.72 13.74
C VAL A 151 2.66 -8.46 12.33
N ASP A 152 3.38 -8.90 11.32
CA ASP A 152 3.00 -8.49 9.95
C ASP A 152 1.61 -8.98 9.58
N ARG A 153 1.32 -10.23 9.97
CA ARG A 153 0.04 -10.83 9.68
C ARG A 153 -1.07 -10.21 10.52
N ALA A 154 -0.82 -9.96 11.81
CA ALA A 154 -1.79 -9.27 12.64
C ALA A 154 -2.13 -7.90 12.06
N ALA A 155 -1.08 -7.13 11.69
CA ALA A 155 -1.31 -5.79 11.15
C ALA A 155 -2.13 -5.83 9.88
N ALA A 156 -1.84 -6.78 9.01
CA ALA A 156 -2.56 -6.91 7.75
C ALA A 156 -4.03 -7.33 7.97
N LEU A 157 -4.32 -8.05 9.08
CA LEU A 157 -5.70 -8.35 9.46
C LEU A 157 -6.37 -7.19 10.20
N GLY A 158 -5.74 -6.02 10.30
CA GLY A 158 -6.39 -4.87 10.88
C GLY A 158 -6.31 -4.80 12.39
N MET A 159 -5.42 -5.58 13.02
CA MET A 159 -5.24 -5.51 14.46
C MET A 159 -4.41 -4.28 14.81
N GLU A 160 -4.58 -3.85 16.06
CA GLU A 160 -3.67 -2.88 16.65
C GLU A 160 -2.54 -3.69 17.26
N VAL A 161 -1.30 -3.38 16.88
CA VAL A 161 -0.15 -4.17 17.25
C VAL A 161 0.80 -3.36 18.14
N VAL A 162 1.09 -3.90 19.33
CA VAL A 162 2.13 -3.37 20.20
C VAL A 162 3.10 -4.51 20.46
N GLY A 163 4.27 -4.20 21.04
CA GLY A 163 5.18 -5.27 21.32
C GLY A 163 6.30 -4.85 22.22
N VAL A 164 7.15 -5.84 22.52
CA VAL A 164 8.20 -5.68 23.50
C VAL A 164 9.50 -6.17 22.88
N ARG A 165 10.57 -5.35 23.01
CA ARG A 165 11.91 -5.82 22.67
C ARG A 165 12.90 -5.08 23.56
N ARG A 166 14.07 -5.67 23.67
CA ARG A 166 15.00 -5.14 24.67
C ARG A 166 15.37 -3.67 24.46
N SER A 167 15.63 -3.26 23.22
CA SER A 167 16.03 -1.90 22.94
C SER A 167 14.88 -0.91 23.09
N GLY A 168 13.64 -1.38 22.95
CA GLY A 168 12.48 -0.51 22.90
C GLY A 168 12.34 0.29 21.60
N ASP A 169 13.20 0.04 20.61
CA ASP A 169 13.29 0.85 19.39
C ASP A 169 12.16 0.47 18.44
N PRO A 170 11.74 1.42 17.57
CA PRO A 170 10.64 1.18 16.65
C PRO A 170 10.84 -0.07 15.80
N VAL A 171 9.70 -0.72 15.48
CA VAL A 171 9.68 -1.90 14.63
C VAL A 171 8.57 -1.73 13.62
N ASP A 172 8.86 -2.10 12.37
CA ASP A 172 7.93 -2.00 11.28
C ASP A 172 6.63 -2.73 11.67
N ASN A 173 5.50 -2.06 11.52
CA ASN A 173 4.15 -2.60 11.70
C ASN A 173 3.74 -2.70 13.18
N VAL A 174 4.57 -2.17 14.09
CA VAL A 174 4.23 -2.15 15.50
C VAL A 174 3.97 -0.68 15.86
N SER A 175 2.79 -0.37 16.37
CA SER A 175 2.39 0.99 16.70
C SER A 175 3.18 1.52 17.91
N THR A 176 3.37 0.68 18.95
CA THR A 176 4.06 1.08 20.17
C THR A 176 4.95 -0.07 20.60
N VAL A 177 6.24 0.22 20.73
CA VAL A 177 7.24 -0.69 21.22
C VAL A 177 7.61 -0.32 22.65
N TYR A 178 7.60 -1.33 23.51
CA TYR A 178 7.94 -1.18 24.91
C TYR A 178 9.24 -1.93 25.19
N THR A 179 10.03 -1.44 26.18
CA THR A 179 11.11 -2.24 26.74
C THR A 179 10.53 -3.29 27.70
N PRO A 180 11.31 -4.29 28.11
CA PRO A 180 10.80 -5.30 29.02
C PRO A 180 10.39 -4.76 30.40
N ASP A 181 10.99 -3.64 30.80
CA ASP A 181 10.65 -2.85 31.98
CA ASP A 181 10.58 -3.15 32.11
C ASP A 181 9.17 -2.54 32.05
N ARG A 182 8.56 -2.42 30.87
CA ARG A 182 7.17 -1.99 30.74
C ARG A 182 6.28 -3.16 30.26
N LEU A 183 6.66 -4.42 30.49
CA LEU A 183 5.86 -5.57 30.08
C LEU A 183 4.42 -5.42 30.56
N HIS A 184 4.21 -5.06 31.85
CA HIS A 184 2.84 -5.03 32.33
C HIS A 184 2.02 -3.98 31.61
N GLU A 185 2.57 -2.78 31.33
CA GLU A 185 1.86 -1.81 30.51
CA GLU A 185 1.86 -1.80 30.50
C GLU A 185 1.56 -2.37 29.10
N ALA A 186 2.51 -3.08 28.51
CA ALA A 186 2.38 -3.58 27.15
C ALA A 186 1.28 -4.63 27.01
N ILE A 187 1.08 -5.47 28.04
CA ILE A 187 0.12 -6.56 28.00
C ILE A 187 -1.26 -6.21 28.51
N ALA A 188 -1.37 -5.13 29.30
CA ALA A 188 -2.58 -4.87 30.08
C ALA A 188 -3.86 -4.75 29.25
N ASP A 189 -3.75 -4.17 28.05
CA ASP A 189 -4.94 -3.87 27.25
C ASP A 189 -5.04 -4.75 26.01
N ALA A 190 -4.26 -5.82 25.94
CA ALA A 190 -4.21 -6.65 24.77
C ALA A 190 -5.25 -7.77 24.85
N ARG A 191 -5.91 -8.05 23.70
CA ARG A 191 -6.77 -9.21 23.56
CA ARG A 191 -6.78 -9.21 23.58
C ARG A 191 -5.94 -10.49 23.44
N PHE A 192 -4.76 -10.40 22.84
CA PHE A 192 -3.85 -11.50 22.68
C PHE A 192 -2.45 -11.06 23.09
N VAL A 193 -1.73 -11.92 23.86
CA VAL A 193 -0.34 -11.71 24.21
C VAL A 193 0.41 -12.88 23.65
N VAL A 194 1.35 -12.61 22.75
CA VAL A 194 2.11 -13.63 22.02
C VAL A 194 3.56 -13.65 22.47
N LEU A 195 4.06 -14.81 22.87
CA LEU A 195 5.45 -14.96 23.30
C LEU A 195 6.31 -15.54 22.20
N ALA A 196 7.38 -14.80 21.88
CA ALA A 196 8.25 -15.08 20.75
C ALA A 196 9.72 -14.76 21.08
N THR A 197 10.13 -14.95 22.34
CA THR A 197 11.49 -14.73 22.79
C THR A 197 12.23 -16.05 22.84
N PRO A 198 13.57 -16.04 22.76
CA PRO A 198 14.35 -17.22 23.14
C PRO A 198 14.17 -17.52 24.63
N LEU A 199 14.51 -18.74 25.02
CA LEU A 199 14.65 -19.08 26.43
C LEU A 199 16.06 -18.73 26.86
N THR A 200 16.17 -17.81 27.82
CA THR A 200 17.41 -17.50 28.48
C THR A 200 17.13 -17.41 29.97
N ASP A 201 18.18 -17.26 30.78
CA ASP A 201 17.92 -17.12 32.20
C ASP A 201 17.20 -15.78 32.45
N GLU A 202 17.24 -14.82 31.53
CA GLU A 202 16.45 -13.59 31.67
C GLU A 202 14.96 -13.75 31.29
N THR A 203 14.61 -14.58 30.30
CA THR A 203 13.21 -14.73 29.92
C THR A 203 12.50 -15.89 30.62
N GLU A 204 13.25 -16.75 31.32
CA GLU A 204 12.63 -17.89 31.99
C GLU A 204 11.69 -17.38 33.06
N GLY A 205 10.45 -17.92 33.04
CA GLY A 205 9.46 -17.54 34.03
C GLY A 205 8.92 -16.13 33.90
N MET A 206 9.10 -15.50 32.74
CA MET A 206 8.64 -14.13 32.52
C MET A 206 7.13 -13.96 32.74
N VAL A 207 6.36 -14.98 32.33
CA VAL A 207 4.91 -14.88 32.34
C VAL A 207 4.38 -15.87 33.38
N ALA A 208 3.87 -15.26 34.47
CA ALA A 208 3.48 -16.00 35.65
C ALA A 208 2.24 -15.36 36.23
N ALA A 209 1.87 -15.78 37.46
CA ALA A 209 0.62 -15.29 38.06
C ALA A 209 0.48 -13.77 37.97
N PRO A 210 1.50 -12.94 38.29
CA PRO A 210 1.25 -11.49 38.24
C PRO A 210 0.88 -10.99 36.85
N GLU A 211 1.51 -11.54 35.83
CA GLU A 211 1.20 -11.17 34.44
C GLU A 211 -0.22 -11.60 34.08
N PHE A 212 -0.65 -12.76 34.53
CA PHE A 212 -2.02 -13.17 34.26
C PHE A 212 -3.02 -12.26 34.97
N GLU A 213 -2.68 -11.80 36.20
CA GLU A 213 -3.51 -10.82 36.87
C GLU A 213 -3.63 -9.55 36.01
N THR A 214 -2.50 -9.02 35.55
CA THR A 214 -2.47 -7.82 34.73
C THR A 214 -3.32 -7.96 33.48
N MET A 215 -3.18 -9.11 32.80
CA MET A 215 -3.89 -9.31 31.54
C MET A 215 -5.41 -9.20 31.71
N ARG A 216 -6.06 -8.77 30.64
CA ARG A 216 -7.52 -8.74 30.62
C ARG A 216 -8.11 -10.13 30.82
N GLU A 217 -9.26 -10.18 31.49
CA GLU A 217 -9.94 -11.43 31.73
C GLU A 217 -10.45 -12.06 30.43
N ASP A 218 -10.65 -11.25 29.38
CA ASP A 218 -11.05 -11.76 28.07
C ASP A 218 -9.88 -12.04 27.13
N ALA A 219 -8.65 -11.97 27.62
CA ALA A 219 -7.45 -12.16 26.80
C ALA A 219 -6.97 -13.58 26.76
N SER A 220 -6.22 -13.87 25.70
CA SER A 220 -5.63 -15.17 25.47
C SER A 220 -4.11 -15.02 25.37
N LEU A 221 -3.39 -15.98 25.97
CA LEU A 221 -1.97 -16.13 25.83
C LEU A 221 -1.65 -17.03 24.63
N VAL A 222 -0.63 -16.70 23.85
CA VAL A 222 -0.08 -17.56 22.85
C VAL A 222 1.37 -17.80 23.17
N ASN A 223 1.76 -19.06 23.33
CA ASN A 223 3.17 -19.38 23.53
C ASN A 223 3.68 -20.23 22.38
N VAL A 224 4.54 -19.64 21.54
CA VAL A 224 5.25 -20.34 20.48
C VAL A 224 6.76 -20.26 20.68
N ALA A 225 7.20 -19.87 21.90
CA ALA A 225 8.62 -19.64 22.21
C ALA A 225 9.23 -20.92 22.79
N ARG A 226 9.30 -21.01 24.10
CA ARG A 226 9.66 -22.20 24.85
C ARG A 226 8.75 -22.25 26.07
N GLY A 227 8.46 -23.47 26.50
CA GLY A 227 7.58 -23.69 27.65
C GLY A 227 7.96 -22.90 28.88
N PRO A 228 9.25 -22.95 29.27
CA PRO A 228 9.63 -22.32 30.52
C PRO A 228 9.63 -20.79 30.55
N VAL A 229 9.30 -20.12 29.42
CA VAL A 229 9.04 -18.69 29.49
C VAL A 229 7.78 -18.40 30.33
N VAL A 230 6.88 -19.39 30.40
CA VAL A 230 5.67 -19.35 31.21
C VAL A 230 5.88 -20.22 32.44
N VAL A 231 5.34 -19.78 33.59
CA VAL A 231 5.26 -20.68 34.76
C VAL A 231 3.97 -21.46 34.60
N GLU A 232 4.12 -22.72 34.14
CA GLU A 232 2.99 -23.49 33.65
C GLU A 232 1.90 -23.70 34.69
N SER A 233 2.30 -23.96 35.93
CA SER A 233 1.32 -24.14 36.98
C SER A 233 0.52 -22.87 37.29
N ASP A 234 1.17 -21.69 37.13
CA ASP A 234 0.47 -20.44 37.30
C ASP A 234 -0.54 -20.25 36.16
N LEU A 235 -0.19 -20.69 34.94
CA LEU A 235 -1.10 -20.59 33.81
C LEU A 235 -2.34 -21.45 34.11
N VAL A 236 -2.16 -22.70 34.59
CA VAL A 236 -3.31 -23.52 34.94
C VAL A 236 -4.19 -22.80 35.96
N ALA A 237 -3.57 -22.22 36.99
CA ALA A 237 -4.37 -21.58 38.03
C ALA A 237 -5.11 -20.37 37.49
N ALA A 238 -4.47 -19.63 36.58
CA ALA A 238 -5.09 -18.46 35.98
C ALA A 238 -6.29 -18.85 35.14
N LEU A 239 -6.14 -19.94 34.41
CA LEU A 239 -7.26 -20.41 33.59
C LEU A 239 -8.42 -20.88 34.48
N ASP A 240 -8.09 -21.61 35.55
CA ASP A 240 -9.12 -22.05 36.51
C ASP A 240 -9.86 -20.87 37.14
N SER A 241 -9.12 -19.81 37.46
CA SER A 241 -9.67 -18.69 38.19
C SER A 241 -10.37 -17.69 37.26
N GLY A 242 -10.17 -17.78 35.95
CA GLY A 242 -10.67 -16.81 34.99
C GLY A 242 -9.86 -15.51 34.92
N ASP A 243 -8.62 -15.54 35.38
CA ASP A 243 -7.76 -14.38 35.28
C ASP A 243 -7.49 -14.00 33.81
N ILE A 244 -7.40 -15.00 32.96
CA ILE A 244 -7.42 -14.85 31.50
C ILE A 244 -8.43 -15.84 30.92
N ALA A 245 -8.74 -15.66 29.65
CA ALA A 245 -9.80 -16.46 29.02
C ALA A 245 -9.28 -17.80 28.49
N GLY A 246 -8.04 -17.85 28.01
CA GLY A 246 -7.61 -19.03 27.33
C GLY A 246 -6.20 -18.88 26.80
N ALA A 247 -5.72 -19.85 26.04
CA ALA A 247 -4.35 -19.88 25.60
C ALA A 247 -4.19 -20.77 24.38
N ALA A 248 -3.28 -20.43 23.49
CA ALA A 248 -2.83 -21.33 22.42
C ALA A 248 -1.37 -21.64 22.75
N LEU A 249 -1.05 -22.92 22.93
CA LEU A 249 0.22 -23.35 23.46
C LEU A 249 0.81 -24.40 22.53
N ASP A 250 1.99 -24.08 22.00
CA ASP A 250 2.72 -24.98 21.15
C ASP A 250 3.92 -25.62 21.85
N VAL A 251 4.30 -25.08 23.02
CA VAL A 251 5.51 -25.47 23.70
C VAL A 251 5.19 -25.50 25.19
N PHE A 252 5.89 -26.35 25.94
CA PHE A 252 5.56 -26.68 27.33
C PHE A 252 6.83 -26.96 28.11
N SER A 253 6.70 -26.92 29.46
CA SER A 253 7.88 -27.16 30.25
CA SER A 253 7.77 -27.23 30.40
C SER A 253 8.37 -28.60 30.12
N GLU A 254 7.47 -29.54 29.93
CA GLU A 254 7.80 -30.91 29.59
C GLU A 254 7.05 -31.28 28.32
N GLU A 255 7.82 -31.78 27.35
CA GLU A 255 7.26 -32.19 26.08
C GLU A 255 7.68 -33.63 25.83
N PRO A 256 6.79 -34.53 25.37
CA PRO A 256 5.35 -34.28 25.19
C PRO A 256 4.65 -33.85 26.48
N LEU A 257 3.61 -33.05 26.31
CA LEU A 257 2.84 -32.60 27.46
C LEU A 257 2.25 -33.78 28.18
N PRO A 258 2.54 -33.99 29.48
CA PRO A 258 2.03 -35.21 30.12
C PRO A 258 0.52 -35.30 30.08
N GLU A 259 0.07 -36.58 30.00
CA GLU A 259 -1.35 -36.83 29.89
CA GLU A 259 -1.35 -36.86 29.89
C GLU A 259 -2.15 -36.30 31.08
N ASP A 260 -1.53 -36.17 32.27
CA ASP A 260 -2.24 -35.68 33.44
C ASP A 260 -2.24 -34.15 33.57
N SER A 261 -1.68 -33.43 32.59
CA SER A 261 -1.74 -31.97 32.60
C SER A 261 -3.17 -31.49 32.54
N PRO A 262 -3.57 -30.53 33.40
CA PRO A 262 -4.90 -29.95 33.21
C PRO A 262 -5.07 -29.16 31.92
N LEU A 263 -3.96 -28.77 31.29
CA LEU A 263 -4.04 -27.92 30.12
C LEU A 263 -4.85 -28.55 28.99
N TRP A 264 -4.79 -29.89 28.82
CA TRP A 264 -5.53 -30.55 27.76
C TRP A 264 -7.01 -30.25 27.80
N ASP A 265 -7.56 -30.07 29.01
CA ASP A 265 -9.00 -30.18 29.19
C ASP A 265 -9.76 -28.86 29.08
N PHE A 266 -9.09 -27.72 29.07
CA PHE A 266 -9.78 -26.44 28.95
C PHE A 266 -10.33 -26.27 27.52
N GLU A 267 -11.60 -25.89 27.42
CA GLU A 267 -12.20 -25.65 26.10
C GLU A 267 -11.40 -24.58 25.35
N ASP A 268 -11.06 -23.48 26.02
CA ASP A 268 -10.41 -22.35 25.39
C ASP A 268 -8.89 -22.41 25.46
N VAL A 269 -8.35 -23.62 25.60
CA VAL A 269 -6.95 -23.86 25.36
C VAL A 269 -6.80 -24.67 24.07
N LEU A 270 -5.90 -24.22 23.20
CA LEU A 270 -5.45 -25.01 22.06
C LEU A 270 -4.11 -25.58 22.40
N ILE A 271 -3.96 -26.93 22.32
CA ILE A 271 -2.69 -27.61 22.45
C ILE A 271 -2.21 -28.00 21.06
N THR A 272 -0.98 -27.61 20.70
CA THR A 272 -0.37 -28.10 19.49
C THR A 272 1.00 -28.68 19.86
N PRO A 273 1.41 -29.79 19.19
CA PRO A 273 2.59 -30.53 19.70
C PRO A 273 3.93 -30.03 19.13
N HIS A 274 4.28 -28.78 19.45
CA HIS A 274 5.54 -28.19 19.02
C HIS A 274 5.69 -28.27 17.49
N VAL A 275 4.68 -27.77 16.79
CA VAL A 275 4.53 -27.83 15.37
C VAL A 275 4.09 -26.52 14.74
N SER A 276 4.20 -25.40 15.48
CA SER A 276 3.84 -24.12 14.89
C SER A 276 4.75 -23.72 13.73
N ALA A 277 5.96 -24.31 13.68
CA ALA A 277 6.92 -24.07 12.61
C ALA A 277 6.98 -25.24 11.62
N ALA A 278 6.14 -26.27 11.76
CA ALA A 278 6.26 -27.42 10.88
C ALA A 278 5.92 -27.03 9.44
N THR A 279 6.61 -27.66 8.49
CA THR A 279 6.41 -27.38 7.07
C THR A 279 7.00 -28.51 6.26
N SER A 280 6.23 -28.87 5.22
CA SER A 280 6.63 -29.87 4.21
C SER A 280 7.80 -29.42 3.36
N LYS A 281 8.28 -28.19 3.54
CA LYS A 281 9.43 -27.68 2.81
C LYS A 281 10.55 -27.24 3.76
N TYR A 282 10.54 -27.75 5.02
CA TYR A 282 11.58 -27.38 5.96
C TYR A 282 12.95 -27.70 5.41
N HIS A 283 13.07 -28.80 4.68
CA HIS A 283 14.36 -29.15 4.08
C HIS A 283 14.91 -28.05 3.20
N GLU A 284 14.04 -27.40 2.40
CA GLU A 284 14.49 -26.32 1.54
C GLU A 284 14.87 -25.09 2.35
N ASP A 285 14.09 -24.83 3.43
CA ASP A 285 14.32 -23.63 4.20
C ASP A 285 15.66 -23.73 4.94
N VAL A 286 15.97 -24.89 5.51
CA VAL A 286 17.26 -25.10 6.18
C VAL A 286 18.37 -25.14 5.13
N ALA A 287 18.13 -25.76 3.98
CA ALA A 287 19.15 -25.88 2.95
C ALA A 287 19.64 -24.49 2.54
N ALA A 288 18.72 -23.50 2.48
CA ALA A 288 19.14 -22.17 2.08
C ALA A 288 20.20 -21.63 3.05
N LEU A 289 20.06 -21.89 4.37
CA LEU A 289 21.05 -21.43 5.35
C LEU A 289 22.39 -22.12 5.19
N ILE A 290 22.37 -23.41 4.87
CA ILE A 290 23.59 -24.16 4.62
C ILE A 290 24.32 -23.56 3.42
N ARG A 291 23.59 -23.36 2.32
CA ARG A 291 24.19 -22.77 1.12
C ARG A 291 24.84 -21.43 1.44
N GLU A 292 24.12 -20.59 2.18
CA GLU A 292 24.64 -19.30 2.58
C GLU A 292 26.00 -19.41 3.31
N ASN A 293 26.05 -20.27 4.33
CA ASN A 293 27.27 -20.42 5.10
C ASN A 293 28.40 -21.12 4.35
N ILE A 294 28.09 -22.00 3.41
CA ILE A 294 29.11 -22.60 2.56
C ILE A 294 29.75 -21.51 1.69
N GLU A 295 28.96 -20.54 1.21
CA GLU A 295 29.51 -19.40 0.47
C GLU A 295 30.40 -18.56 1.39
N LYS A 296 29.96 -18.31 2.64
CA LYS A 296 30.77 -17.51 3.58
C LYS A 296 32.10 -18.22 3.87
N ILE A 297 32.06 -19.53 4.10
CA ILE A 297 33.29 -20.29 4.32
C ILE A 297 34.23 -20.20 3.10
N ALA A 298 33.69 -20.37 1.89
CA ALA A 298 34.49 -20.30 0.67
C ALA A 298 35.20 -18.94 0.52
N THR A 299 34.50 -17.85 0.89
CA THR A 299 35.00 -16.48 0.70
C THR A 299 35.71 -15.90 1.92
N GLY A 300 35.72 -16.62 3.05
CA GLY A 300 36.37 -16.15 4.27
C GLY A 300 35.57 -15.08 5.03
N ASP A 301 34.24 -15.02 4.81
CA ASP A 301 33.32 -14.12 5.47
C ASP A 301 32.78 -14.76 6.74
N GLU A 302 32.36 -13.91 7.70
CA GLU A 302 31.79 -14.38 8.97
C GLU A 302 30.48 -15.13 8.70
N LEU A 303 30.29 -16.24 9.41
CA LEU A 303 29.11 -17.05 9.27
C LEU A 303 27.85 -16.32 9.76
N THR A 304 26.74 -16.61 9.08
CA THR A 304 25.43 -16.19 9.48
C THR A 304 24.93 -17.06 10.64
N ASN A 305 24.29 -16.42 11.64
CA ASN A 305 23.69 -17.07 12.81
C ASN A 305 24.72 -17.83 13.63
N ARG A 306 25.95 -17.30 13.71
CA ARG A 306 26.95 -17.94 14.52
C ARG A 306 26.70 -17.63 16.00
N VAL A 307 26.60 -18.70 16.80
CA VAL A 307 26.34 -18.63 18.23
C VAL A 307 27.66 -18.54 18.99
N VAL A 308 28.62 -19.40 18.62
CA VAL A 308 29.97 -19.41 19.17
C VAL A 308 30.96 -19.91 18.11
N MET B 1 -47.66 9.59 4.31
CA MET B 1 -46.69 9.38 3.19
C MET B 1 -45.28 9.00 3.66
N HIS B 2 -44.97 9.05 4.96
CA HIS B 2 -43.64 8.68 5.41
C HIS B 2 -43.66 7.28 6.01
N ILE B 3 -42.50 6.68 6.16
CA ILE B 3 -42.31 5.63 7.17
C ILE B 3 -42.61 6.23 8.55
N GLU B 4 -43.51 5.56 9.30
CA GLU B 4 -43.94 5.99 10.61
C GLU B 4 -43.51 5.06 11.72
N ARG B 5 -43.04 3.86 11.38
CA ARG B 5 -42.54 2.95 12.42
C ARG B 5 -41.67 1.89 11.79
N LEU B 6 -40.77 1.36 12.60
CA LEU B 6 -39.98 0.23 12.18
C LEU B 6 -40.32 -0.92 13.10
N ALA B 7 -40.92 -1.96 12.50
CA ALA B 7 -41.23 -3.17 13.21
C ALA B 7 -40.04 -4.12 13.12
N VAL B 8 -39.63 -4.72 14.23
CA VAL B 8 -38.55 -5.68 14.25
C VAL B 8 -39.22 -7.04 14.46
N ASP B 9 -39.24 -7.81 13.38
CA ASP B 9 -39.84 -9.13 13.42
C ASP B 9 -39.07 -10.04 14.36
N GLU B 10 -39.79 -10.90 15.08
CA GLU B 10 -39.17 -11.81 16.04
C GLU B 10 -38.08 -12.68 15.39
N SER B 11 -38.18 -12.95 14.07
CA SER B 11 -37.23 -13.80 13.39
C SER B 11 -35.82 -13.22 13.39
N VAL B 12 -35.63 -11.91 13.68
CA VAL B 12 -34.26 -11.39 13.77
C VAL B 12 -33.46 -12.13 14.83
N GLY B 13 -34.16 -12.74 15.81
CA GLY B 13 -33.51 -13.51 16.86
C GLY B 13 -32.69 -14.68 16.39
N ARG B 14 -32.92 -15.11 15.15
CA ARG B 14 -32.08 -16.13 14.54
C ARG B 14 -30.64 -15.66 14.38
N ALA B 15 -30.43 -14.32 14.34
CA ALA B 15 -29.09 -13.75 14.18
C ALA B 15 -28.62 -12.93 15.38
N MET B 16 -29.53 -12.32 16.13
CA MET B 16 -29.13 -11.39 17.16
C MET B 16 -30.28 -11.19 18.13
N PRO B 17 -30.00 -10.94 19.43
CA PRO B 17 -31.09 -10.73 20.37
C PRO B 17 -31.94 -9.54 19.94
N PRO B 18 -33.26 -9.69 19.78
CA PRO B 18 -34.06 -8.59 19.24
C PRO B 18 -33.93 -7.29 20.03
N GLN B 19 -33.83 -7.38 21.35
CA GLN B 19 -33.82 -6.13 22.10
C GLN B 19 -32.49 -5.40 21.89
N ARG B 20 -31.38 -6.09 21.60
CA ARG B 20 -30.10 -5.44 21.31
C ARG B 20 -30.26 -4.62 20.03
N PHE B 21 -30.94 -5.20 19.05
CA PHE B 21 -31.17 -4.53 17.77
C PHE B 21 -32.13 -3.36 17.95
N ILE B 22 -33.25 -3.57 18.66
CA ILE B 22 -34.18 -2.48 18.91
C ILE B 22 -33.45 -1.30 19.56
N GLU B 23 -32.63 -1.57 20.59
CA GLU B 23 -31.95 -0.49 21.27
C GLU B 23 -30.94 0.22 20.35
N ALA B 24 -30.35 -0.51 19.39
CA ALA B 24 -29.42 0.08 18.44
C ALA B 24 -30.09 1.03 17.46
N LEU B 25 -31.43 0.96 17.35
CA LEU B 25 -32.24 1.71 16.40
C LEU B 25 -32.94 2.90 17.09
N SER B 26 -32.43 3.37 18.24
CA SER B 26 -33.09 4.41 19.03
C SER B 26 -32.93 5.81 18.42
N ASP B 27 -31.99 6.00 17.51
CA ASP B 27 -31.76 7.33 16.96
C ASP B 27 -32.76 7.68 15.84
N LEU B 28 -33.68 6.77 15.37
CA LEU B 28 -34.16 6.81 13.99
C LEU B 28 -35.16 7.87 13.60
N GLY B 29 -35.89 8.42 14.54
CA GLY B 29 -36.90 9.44 14.19
C GLY B 29 -38.30 8.87 13.98
N VAL B 30 -38.42 7.55 14.07
CA VAL B 30 -39.68 6.84 14.12
C VAL B 30 -39.53 5.84 15.26
N PRO B 31 -40.65 5.42 15.89
CA PRO B 31 -40.60 4.39 16.91
C PRO B 31 -40.22 3.04 16.30
N VAL B 32 -39.58 2.24 17.14
CA VAL B 32 -39.12 0.91 16.78
C VAL B 32 -39.80 -0.04 17.75
N GLU B 33 -40.51 -1.04 17.19
CA GLU B 33 -41.40 -1.91 17.93
C GLU B 33 -41.13 -3.36 17.58
N PHE B 34 -41.06 -4.21 18.59
CA PHE B 34 -41.04 -5.67 18.38
C PHE B 34 -42.33 -6.14 17.71
N ALA B 35 -42.23 -7.05 16.73
CA ALA B 35 -43.39 -7.62 16.07
C ALA B 35 -43.32 -9.14 16.14
N GLY B 36 -44.32 -9.77 16.76
CA GLY B 36 -44.47 -11.23 16.77
C GLY B 36 -45.01 -11.75 15.43
N GLU B 37 -45.11 -13.07 15.30
CA GLU B 37 -45.42 -13.74 14.03
C GLU B 37 -46.85 -13.53 13.52
N ASP B 38 -47.78 -13.04 14.36
CA ASP B 38 -49.15 -12.70 13.95
C ASP B 38 -49.42 -11.20 13.79
N GLU B 39 -48.39 -10.35 13.81
CA GLU B 39 -48.53 -8.91 13.61
C GLU B 39 -49.19 -8.64 12.25
N GLN B 40 -50.11 -7.68 12.21
CA GLN B 40 -50.57 -7.11 10.97
C GLN B 40 -49.83 -5.82 10.69
N PHE B 41 -49.69 -5.50 9.40
CA PHE B 41 -48.94 -4.33 8.97
C PHE B 41 -49.84 -3.46 8.11
N GLY B 42 -49.39 -2.25 7.85
CA GLY B 42 -50.15 -1.32 7.07
C GLY B 42 -49.29 -0.18 6.56
N PRO B 43 -49.95 0.81 5.91
CA PRO B 43 -49.25 1.98 5.39
C PRO B 43 -48.39 2.64 6.46
N GLY B 44 -47.20 3.02 6.05
CA GLY B 44 -46.22 3.69 6.89
C GLY B 44 -45.30 2.73 7.63
N ASP B 45 -45.56 1.43 7.57
CA ASP B 45 -44.71 0.48 8.24
C ASP B 45 -43.50 0.08 7.41
N ALA B 46 -42.33 0.07 8.10
CA ALA B 46 -41.14 -0.66 7.67
C ALA B 46 -40.98 -1.87 8.57
N VAL B 47 -40.43 -2.96 8.03
CA VAL B 47 -40.22 -4.19 8.80
C VAL B 47 -38.79 -4.67 8.58
N ALA B 48 -38.08 -4.97 9.67
CA ALA B 48 -36.78 -5.63 9.59
C ALA B 48 -37.04 -7.11 9.94
N SER B 49 -36.59 -8.05 9.11
CA SER B 49 -36.90 -9.47 9.29
C SER B 49 -35.80 -10.36 8.76
N PHE B 50 -35.71 -11.56 9.32
CA PHE B 50 -34.85 -12.60 8.78
C PHE B 50 -35.43 -13.21 7.49
N GLY B 51 -36.69 -13.61 7.57
CA GLY B 51 -37.39 -14.25 6.48
C GLY B 51 -38.68 -13.53 6.13
N HIS B 52 -39.40 -14.07 5.13
CA HIS B 52 -40.61 -13.49 4.60
C HIS B 52 -41.83 -13.95 5.37
N ARG B 53 -42.82 -13.06 5.52
CA ARG B 53 -44.19 -13.39 5.91
C ARG B 53 -45.10 -12.67 4.95
N ASP B 54 -46.18 -13.32 4.52
CA ASP B 54 -47.13 -12.66 3.62
C ASP B 54 -47.74 -11.41 4.22
N ALA B 55 -47.86 -11.35 5.55
CA ALA B 55 -48.36 -10.15 6.22
C ALA B 55 -47.52 -8.90 5.90
N PHE B 56 -46.26 -9.09 5.55
CA PHE B 56 -45.40 -7.95 5.23
C PHE B 56 -45.80 -7.24 3.96
N LEU B 57 -46.59 -7.86 3.09
CA LEU B 57 -46.99 -7.23 1.84
C LEU B 57 -47.99 -6.09 2.08
N ASP B 58 -48.46 -5.86 3.33
CA ASP B 58 -49.23 -4.67 3.65
C ASP B 58 -48.33 -3.51 4.10
N ALA B 59 -47.04 -3.78 4.34
CA ALA B 59 -46.11 -2.76 4.76
C ALA B 59 -45.56 -2.04 3.55
N ASP B 60 -44.86 -0.93 3.78
CA ASP B 60 -44.25 -0.15 2.71
C ASP B 60 -42.87 -0.69 2.30
N TRP B 61 -42.12 -1.27 3.25
CA TRP B 61 -40.75 -1.64 3.07
C TRP B 61 -40.33 -2.75 4.02
N VAL B 62 -39.74 -3.82 3.49
CA VAL B 62 -39.08 -4.84 4.26
C VAL B 62 -37.57 -4.76 4.03
N HIS B 63 -36.83 -4.76 5.13
CA HIS B 63 -35.39 -4.90 5.12
C HIS B 63 -35.07 -6.29 5.62
N CYS B 64 -34.50 -7.13 4.76
CA CYS B 64 -33.98 -8.42 5.14
C CYS B 64 -32.63 -8.22 5.82
N ILE B 65 -32.50 -8.76 7.05
CA ILE B 65 -31.28 -8.61 7.85
C ILE B 65 -30.15 -9.54 7.42
N ARG B 66 -30.31 -10.27 6.30
CA ARG B 66 -29.32 -11.14 5.70
C ARG B 66 -28.89 -10.54 4.38
N ALA B 67 -27.70 -10.94 3.92
CA ALA B 67 -27.33 -10.59 2.53
C ALA B 67 -28.14 -11.37 1.52
N GLY B 68 -28.34 -12.67 1.79
CA GLY B 68 -29.03 -13.53 0.87
C GLY B 68 -30.52 -13.43 1.04
N TYR B 69 -31.23 -13.15 -0.06
CA TYR B 69 -32.67 -12.91 -0.06
C TYR B 69 -33.41 -13.97 -0.88
N ASP B 70 -32.74 -15.08 -1.17
CA ASP B 70 -33.28 -16.12 -2.00
C ASP B 70 -34.58 -16.76 -1.46
N GLU B 71 -34.82 -16.65 -0.15
CA GLU B 71 -36.02 -17.20 0.45
C GLU B 71 -37.21 -16.23 0.36
N PHE B 72 -37.05 -15.07 -0.26
CA PHE B 72 -38.12 -14.11 -0.40
C PHE B 72 -38.76 -14.23 -1.77
N PRO B 73 -40.10 -14.19 -1.87
CA PRO B 73 -40.80 -14.22 -3.16
C PRO B 73 -40.77 -12.84 -3.82
N VAL B 74 -39.66 -12.51 -4.48
CA VAL B 74 -39.41 -11.17 -4.98
C VAL B 74 -40.53 -10.69 -5.91
N GLY B 75 -41.05 -11.61 -6.72
CA GLY B 75 -42.17 -11.39 -7.62
C GLY B 75 -43.44 -10.80 -6.98
N VAL B 76 -43.81 -11.25 -5.77
CA VAL B 76 -45.02 -10.77 -5.11
C VAL B 76 -44.80 -9.40 -4.46
N TYR B 77 -43.54 -9.02 -4.13
CA TYR B 77 -43.27 -7.74 -3.50
C TYR B 77 -43.54 -6.62 -4.50
N GLU B 78 -43.17 -6.86 -5.76
CA GLU B 78 -43.34 -5.89 -6.82
C GLU B 78 -44.83 -5.55 -6.99
N GLU B 79 -45.70 -6.56 -7.08
CA GLU B 79 -47.14 -6.33 -7.26
C GLU B 79 -47.77 -5.68 -6.03
N ALA B 80 -47.26 -5.99 -4.83
CA ALA B 80 -47.82 -5.43 -3.61
C ALA B 80 -47.38 -3.98 -3.36
N GLY B 81 -46.36 -3.49 -4.09
CA GLY B 81 -45.85 -2.15 -3.87
C GLY B 81 -44.98 -2.02 -2.61
N THR B 82 -44.45 -3.16 -2.14
CA THR B 82 -43.58 -3.20 -0.98
C THR B 82 -42.13 -3.26 -1.44
N TYR B 83 -41.33 -2.28 -0.99
CA TYR B 83 -39.91 -2.35 -1.25
C TYR B 83 -39.26 -3.49 -0.50
N LEU B 84 -38.19 -4.05 -1.08
CA LEU B 84 -37.41 -5.08 -0.41
C LEU B 84 -35.93 -4.73 -0.56
N THR B 85 -35.23 -4.66 0.58
CA THR B 85 -33.78 -4.46 0.61
C THR B 85 -33.12 -5.60 1.34
N ASN B 86 -31.82 -5.75 1.11
CA ASN B 86 -31.06 -6.78 1.81
C ASN B 86 -29.86 -6.15 2.53
N SER B 87 -29.10 -7.00 3.25
CA SER B 87 -27.97 -6.56 4.05
C SER B 87 -26.60 -6.85 3.46
N THR B 88 -26.49 -6.96 2.14
CA THR B 88 -25.19 -7.07 1.50
CA THR B 88 -25.20 -7.05 1.51
C THR B 88 -24.34 -5.84 1.85
N GLY B 89 -23.04 -6.09 2.02
CA GLY B 89 -22.07 -5.05 2.24
C GLY B 89 -21.49 -5.03 3.65
N ILE B 90 -22.03 -5.82 4.58
CA ILE B 90 -21.61 -5.70 5.99
C ILE B 90 -20.86 -6.94 6.47
N HIS B 91 -20.68 -7.98 5.64
CA HIS B 91 -20.15 -9.27 6.09
C HIS B 91 -18.73 -9.55 5.61
N GLY B 92 -18.04 -8.54 5.03
CA GLY B 92 -16.76 -8.82 4.43
C GLY B 92 -15.66 -9.15 5.43
N THR B 93 -15.68 -8.48 6.59
CA THR B 93 -14.63 -8.68 7.61
C THR B 93 -14.87 -10.01 8.33
N THR B 94 -16.11 -10.26 8.78
CA THR B 94 -16.41 -11.48 9.48
C THR B 94 -16.14 -12.72 8.60
N VAL B 95 -16.76 -12.72 7.39
CA VAL B 95 -16.57 -13.91 6.55
C VAL B 95 -15.12 -14.02 6.06
N GLY B 96 -14.53 -12.88 5.68
CA GLY B 96 -13.13 -12.91 5.28
C GLY B 96 -12.21 -13.53 6.35
N GLU B 97 -12.44 -13.12 7.61
CA GLU B 97 -11.69 -13.68 8.71
C GLU B 97 -11.99 -15.18 8.92
N THR B 98 -13.26 -15.55 8.88
CA THR B 98 -13.58 -16.97 9.01
C THR B 98 -12.89 -17.80 7.95
N VAL B 99 -12.95 -17.36 6.68
CA VAL B 99 -12.34 -18.13 5.61
C VAL B 99 -10.83 -18.21 5.73
N ALA B 100 -10.19 -17.06 6.08
CA ALA B 100 -8.76 -17.10 6.39
C ALA B 100 -8.49 -18.14 7.49
N GLY B 101 -9.38 -18.14 8.50
CA GLY B 101 -9.25 -19.14 9.58
C GLY B 101 -9.40 -20.58 9.09
N TYR B 102 -10.35 -20.83 8.19
CA TYR B 102 -10.46 -22.19 7.63
C TYR B 102 -9.18 -22.60 6.89
N MET B 103 -8.71 -21.70 6.00
CA MET B 103 -7.54 -22.04 5.21
C MET B 103 -6.30 -22.25 6.11
N LEU B 104 -6.10 -21.38 7.13
CA LEU B 104 -4.99 -21.56 8.05
C LEU B 104 -5.16 -22.83 8.87
N THR B 105 -6.39 -23.17 9.21
CA THR B 105 -6.63 -24.42 9.91
C THR B 105 -6.12 -25.61 9.12
N PHE B 106 -6.49 -25.63 7.83
CA PHE B 106 -6.02 -26.70 7.00
C PHE B 106 -4.51 -26.68 6.78
N ALA B 107 -3.95 -25.49 6.49
CA ALA B 107 -2.51 -25.42 6.25
C ALA B 107 -1.69 -25.84 7.45
N ARG B 108 -2.10 -25.34 8.62
CA ARG B 108 -1.34 -25.54 9.84
C ARG B 108 -1.79 -26.75 10.66
N ARG B 109 -2.81 -27.45 10.20
CA ARG B 109 -3.33 -28.71 10.73
C ARG B 109 -3.97 -28.51 12.10
N LEU B 110 -4.55 -27.32 12.38
CA LEU B 110 -5.07 -27.06 13.69
C LEU B 110 -6.25 -27.96 14.06
N HIS B 111 -7.08 -28.34 13.11
CA HIS B 111 -8.21 -29.21 13.38
C HIS B 111 -7.79 -30.62 13.81
N ALA B 112 -6.74 -31.15 13.18
CA ALA B 112 -6.17 -32.41 13.57
C ALA B 112 -5.63 -32.31 14.99
N TYR B 113 -4.94 -31.22 15.34
CA TYR B 113 -4.42 -31.11 16.71
C TYR B 113 -5.57 -31.00 17.70
N ARG B 114 -6.67 -30.34 17.33
CA ARG B 114 -7.80 -30.24 18.25
C ARG B 114 -8.40 -31.63 18.52
N ASP B 115 -8.45 -32.45 17.47
CA ASP B 115 -9.00 -33.82 17.61
C ASP B 115 -8.11 -34.56 18.61
N ALA B 116 -6.79 -34.46 18.44
CA ALA B 116 -5.84 -35.13 19.33
C ALA B 116 -5.95 -34.63 20.75
N GLN B 117 -6.25 -33.32 20.93
CA GLN B 117 -6.36 -32.72 22.24
C GLN B 117 -7.38 -33.46 23.08
N HIS B 118 -8.49 -33.83 22.48
CA HIS B 118 -9.54 -34.56 23.19
C HIS B 118 -9.01 -35.90 23.70
N ASP B 119 -8.04 -36.49 23.00
CA ASP B 119 -7.45 -37.77 23.36
C ASP B 119 -6.18 -37.64 24.19
N HIS B 120 -5.74 -36.42 24.52
CA HIS B 120 -4.44 -36.23 25.18
C HIS B 120 -3.33 -36.95 24.43
N ALA B 121 -3.40 -36.87 23.11
CA ALA B 121 -2.46 -37.55 22.25
C ALA B 121 -1.51 -36.50 21.67
N TRP B 122 -0.21 -36.73 21.81
CA TRP B 122 0.82 -35.91 21.20
C TRP B 122 1.14 -36.53 19.85
N ASP B 123 0.26 -36.27 18.88
CA ASP B 123 0.34 -36.90 17.58
C ASP B 123 1.01 -35.95 16.60
N LEU B 124 2.14 -36.38 16.06
CA LEU B 124 2.90 -35.51 15.17
C LEU B 124 2.39 -35.67 13.75
N PRO B 125 2.29 -34.58 12.99
CA PRO B 125 1.82 -34.65 11.60
C PRO B 125 2.83 -35.42 10.76
N ARG B 126 2.32 -36.06 9.69
CA ARG B 126 3.24 -36.53 8.68
C ARG B 126 3.97 -35.34 8.06
N TYR B 127 5.19 -35.58 7.54
CA TYR B 127 5.98 -34.46 7.05
C TYR B 127 5.24 -33.64 5.99
N GLU B 128 4.51 -34.33 5.12
CA GLU B 128 3.84 -33.67 4.00
C GLU B 128 2.58 -32.92 4.41
N GLU B 129 2.10 -33.08 5.66
CA GLU B 129 0.80 -32.50 5.99
C GLU B 129 0.82 -30.99 6.20
N PRO B 130 1.73 -30.41 6.99
CA PRO B 130 1.71 -28.97 7.25
C PRO B 130 2.30 -28.18 6.08
N PHE B 131 1.65 -27.09 5.72
CA PHE B 131 2.14 -26.25 4.64
C PHE B 131 1.83 -24.79 4.98
N THR B 132 2.29 -23.86 4.12
CA THR B 132 1.99 -22.46 4.31
C THR B 132 0.99 -22.00 3.25
N LEU B 133 0.07 -21.13 3.65
CA LEU B 133 -0.75 -20.46 2.65
C LEU B 133 0.09 -19.60 1.70
N ALA B 134 1.15 -18.98 2.22
CA ALA B 134 2.02 -18.19 1.35
C ALA B 134 2.46 -19.06 0.17
N GLY B 135 2.23 -18.57 -1.05
CA GLY B 135 2.58 -19.26 -2.28
C GLY B 135 1.53 -20.24 -2.84
N GLU B 136 0.47 -20.53 -2.09
CA GLU B 136 -0.58 -21.42 -2.53
C GLU B 136 -1.65 -20.62 -3.26
N ARG B 137 -2.39 -21.30 -4.13
CA ARG B 137 -3.41 -20.69 -4.97
C ARG B 137 -4.83 -20.87 -4.43
N VAL B 138 -5.58 -19.79 -4.34
CA VAL B 138 -7.01 -19.82 -4.04
C VAL B 138 -7.78 -19.23 -5.22
N CYS B 139 -8.90 -19.88 -5.51
CA CYS B 139 -9.86 -19.38 -6.49
C CYS B 139 -11.14 -18.98 -5.75
N VAL B 140 -11.51 -17.70 -5.81
CA VAL B 140 -12.71 -17.22 -5.15
C VAL B 140 -13.81 -17.01 -6.20
N VAL B 141 -14.90 -17.78 -6.04
CA VAL B 141 -16.04 -17.75 -6.93
C VAL B 141 -17.09 -16.84 -6.35
N GLY B 142 -17.30 -15.67 -6.98
CA GLY B 142 -18.09 -14.61 -6.40
C GLY B 142 -17.13 -13.59 -5.79
N LEU B 143 -17.15 -12.37 -6.31
CA LEU B 143 -16.19 -11.32 -5.96
C LEU B 143 -16.93 -10.05 -5.56
N GLY B 144 -17.92 -10.21 -4.69
CA GLY B 144 -18.60 -9.10 -4.07
C GLY B 144 -18.10 -8.90 -2.65
N THR B 145 -18.99 -8.54 -1.72
CA THR B 145 -18.57 -8.26 -0.37
C THR B 145 -17.85 -9.43 0.27
N LEU B 146 -18.47 -10.62 0.22
CA LEU B 146 -17.82 -11.79 0.85
C LEU B 146 -16.53 -12.16 0.11
N GLY B 147 -16.63 -12.24 -1.22
CA GLY B 147 -15.46 -12.71 -1.95
C GLY B 147 -14.27 -11.76 -1.83
N ARG B 148 -14.53 -10.45 -1.82
CA ARG B 148 -13.42 -9.53 -1.66
CA ARG B 148 -13.45 -9.47 -1.63
C ARG B 148 -12.87 -9.51 -0.22
N GLY B 149 -13.69 -9.82 0.78
CA GLY B 149 -13.18 -9.99 2.12
C GLY B 149 -12.18 -11.14 2.20
N VAL B 150 -12.50 -12.22 1.49
CA VAL B 150 -11.65 -13.39 1.36
C VAL B 150 -10.37 -13.02 0.61
N VAL B 151 -10.54 -12.49 -0.60
CA VAL B 151 -9.43 -12.13 -1.47
C VAL B 151 -8.41 -11.25 -0.76
N ASP B 152 -8.91 -10.19 -0.10
CA ASP B 152 -7.97 -9.21 0.43
C ASP B 152 -7.07 -9.87 1.47
N ARG B 153 -7.66 -10.75 2.28
CA ARG B 153 -6.89 -11.41 3.35
C ARG B 153 -5.98 -12.49 2.78
N ALA B 154 -6.47 -13.26 1.77
CA ALA B 154 -5.63 -14.24 1.10
C ALA B 154 -4.41 -13.53 0.49
N ALA B 155 -4.63 -12.43 -0.24
CA ALA B 155 -3.52 -11.73 -0.85
C ALA B 155 -2.52 -11.23 0.17
N ALA B 156 -3.03 -10.70 1.28
CA ALA B 156 -2.14 -10.20 2.33
C ALA B 156 -1.29 -11.32 2.96
N LEU B 157 -1.83 -12.55 3.02
CA LEU B 157 -1.11 -13.73 3.50
C LEU B 157 -0.16 -14.32 2.46
N GLY B 158 -0.06 -13.69 1.28
CA GLY B 158 0.89 -14.14 0.29
C GLY B 158 0.38 -15.24 -0.64
N MET B 159 -0.94 -15.46 -0.69
CA MET B 159 -1.50 -16.43 -1.61
C MET B 159 -1.51 -15.86 -3.02
N GLU B 160 -1.51 -16.78 -4.00
CA GLU B 160 -1.87 -16.47 -5.37
C GLU B 160 -3.39 -16.50 -5.46
N VAL B 161 -4.03 -15.44 -5.97
CA VAL B 161 -5.48 -15.30 -5.95
C VAL B 161 -6.00 -15.16 -7.35
N VAL B 162 -6.92 -16.06 -7.71
CA VAL B 162 -7.70 -15.95 -8.93
C VAL B 162 -9.16 -15.96 -8.55
N GLY B 163 -10.06 -15.68 -9.49
CA GLY B 163 -11.46 -15.76 -9.13
C GLY B 163 -12.38 -15.65 -10.32
N VAL B 164 -13.67 -15.71 -10.00
CA VAL B 164 -14.75 -15.78 -11.00
C VAL B 164 -15.82 -14.75 -10.58
N ARG B 165 -16.34 -14.01 -11.55
CA ARG B 165 -17.57 -13.25 -11.29
C ARG B 165 -18.33 -13.15 -12.61
N ARG B 166 -19.55 -12.64 -12.59
CA ARG B 166 -20.41 -12.74 -13.78
C ARG B 166 -19.77 -12.09 -14.99
N SER B 167 -19.18 -10.88 -14.79
CA SER B 167 -18.64 -10.12 -15.93
C SER B 167 -17.24 -10.62 -16.29
N GLY B 168 -16.53 -11.30 -15.36
CA GLY B 168 -15.14 -11.66 -15.55
C GLY B 168 -14.15 -10.50 -15.53
N ASP B 169 -14.56 -9.30 -15.11
CA ASP B 169 -13.72 -8.12 -15.18
C ASP B 169 -12.80 -7.98 -13.96
N PRO B 170 -11.76 -7.13 -14.01
CA PRO B 170 -10.77 -7.08 -12.93
C PRO B 170 -11.33 -6.79 -11.56
N VAL B 171 -10.63 -7.25 -10.53
CA VAL B 171 -10.94 -7.00 -9.13
C VAL B 171 -9.60 -6.84 -8.37
N ASP B 172 -9.52 -5.81 -7.54
CA ASP B 172 -8.32 -5.54 -6.74
C ASP B 172 -7.91 -6.83 -5.99
N ASN B 173 -6.60 -7.11 -6.00
CA ASN B 173 -6.05 -8.28 -5.32
C ASN B 173 -6.34 -9.62 -5.98
N VAL B 174 -6.95 -9.62 -7.16
CA VAL B 174 -7.17 -10.84 -7.90
C VAL B 174 -6.30 -10.82 -9.17
N SER B 175 -5.36 -11.75 -9.34
CA SER B 175 -4.44 -11.63 -10.45
CA SER B 175 -4.41 -11.75 -10.44
C SER B 175 -5.08 -11.99 -11.78
N THR B 176 -6.04 -12.94 -11.79
CA THR B 176 -6.74 -13.33 -13.00
C THR B 176 -8.20 -13.55 -12.60
N VAL B 177 -9.11 -12.88 -13.31
CA VAL B 177 -10.54 -13.06 -13.15
C VAL B 177 -11.08 -13.75 -14.41
N TYR B 178 -12.00 -14.68 -14.19
CA TYR B 178 -12.66 -15.49 -15.22
C TYR B 178 -14.15 -15.26 -15.16
N THR B 179 -14.77 -15.39 -16.36
CA THR B 179 -16.21 -15.47 -16.45
C THR B 179 -16.70 -16.83 -15.96
N PRO B 180 -18.00 -16.99 -15.68
CA PRO B 180 -18.50 -18.28 -15.18
C PRO B 180 -18.34 -19.43 -16.15
N ASP B 181 -18.30 -19.14 -17.46
CA ASP B 181 -18.08 -20.09 -18.53
CA ASP B 181 -18.12 -20.23 -18.42
C ASP B 181 -16.66 -20.65 -18.53
N ARG B 182 -15.79 -20.12 -17.65
CA ARG B 182 -14.41 -20.59 -17.52
C ARG B 182 -14.13 -21.02 -16.08
N LEU B 183 -15.18 -21.42 -15.38
CA LEU B 183 -15.04 -21.91 -14.01
C LEU B 183 -13.99 -23.02 -13.94
N HIS B 184 -14.04 -23.99 -14.85
CA HIS B 184 -13.12 -25.11 -14.73
C HIS B 184 -11.68 -24.68 -14.88
N GLU B 185 -11.40 -23.70 -15.77
CA GLU B 185 -10.06 -23.13 -15.85
C GLU B 185 -9.66 -22.48 -14.54
N ALA B 186 -10.57 -21.75 -13.91
CA ALA B 186 -10.30 -21.00 -12.69
C ALA B 186 -9.96 -21.92 -11.51
N ILE B 187 -10.71 -23.05 -11.43
CA ILE B 187 -10.56 -23.91 -10.23
C ILE B 187 -9.47 -24.98 -10.39
N ALA B 188 -9.02 -25.27 -11.61
CA ALA B 188 -8.26 -26.51 -11.84
C ALA B 188 -6.95 -26.59 -11.05
N ASP B 189 -6.28 -25.45 -10.84
CA ASP B 189 -4.96 -25.45 -10.21
C ASP B 189 -4.97 -24.86 -8.78
N ALA B 190 -6.15 -24.70 -8.22
CA ALA B 190 -6.29 -24.06 -6.93
C ALA B 190 -6.17 -25.08 -5.80
N ARG B 191 -5.45 -24.69 -4.75
CA ARG B 191 -5.45 -25.48 -3.52
C ARG B 191 -6.73 -25.29 -2.69
N PHE B 192 -7.37 -24.11 -2.83
CA PHE B 192 -8.62 -23.79 -2.20
C PHE B 192 -9.57 -23.19 -3.23
N VAL B 193 -10.84 -23.61 -3.18
CA VAL B 193 -11.89 -23.03 -4.01
C VAL B 193 -12.95 -22.53 -3.03
N VAL B 194 -13.22 -21.24 -3.07
CA VAL B 194 -14.11 -20.59 -2.11
C VAL B 194 -15.37 -20.13 -2.85
N LEU B 195 -16.55 -20.49 -2.35
CA LEU B 195 -17.84 -20.11 -2.94
C LEU B 195 -18.46 -18.95 -2.15
N ALA B 196 -18.79 -17.87 -2.89
CA ALA B 196 -19.23 -16.60 -2.34
C ALA B 196 -20.23 -15.92 -3.27
N THR B 197 -21.07 -16.71 -3.94
CA THR B 197 -22.12 -16.20 -4.81
C THR B 197 -23.46 -16.25 -4.09
N PRO B 198 -24.44 -15.45 -4.50
CA PRO B 198 -25.82 -15.66 -4.09
CA PRO B 198 -25.81 -15.68 -4.06
C PRO B 198 -26.30 -17.01 -4.63
N LEU B 199 -27.38 -17.49 -4.02
CA LEU B 199 -28.15 -18.60 -4.61
C LEU B 199 -29.19 -18.01 -5.56
N THR B 200 -29.07 -18.34 -6.84
CA THR B 200 -30.00 -17.94 -7.91
C THR B 200 -30.28 -19.16 -8.74
N ASP B 201 -31.20 -18.97 -9.69
CA ASP B 201 -31.45 -20.00 -10.67
CA ASP B 201 -31.45 -19.99 -10.68
C ASP B 201 -30.17 -20.38 -11.42
N GLU B 202 -29.29 -19.40 -11.66
CA GLU B 202 -28.04 -19.66 -12.38
C GLU B 202 -27.04 -20.41 -11.51
N THR B 203 -26.91 -20.06 -10.22
CA THR B 203 -25.88 -20.64 -9.40
C THR B 203 -26.29 -21.94 -8.72
N GLU B 204 -27.58 -22.26 -8.69
CA GLU B 204 -27.96 -23.48 -7.99
C GLU B 204 -27.30 -24.67 -8.66
N GLY B 205 -26.65 -25.52 -7.87
CA GLY B 205 -25.99 -26.69 -8.42
C GLY B 205 -24.77 -26.43 -9.26
N MET B 206 -24.15 -25.27 -9.12
CA MET B 206 -22.96 -24.91 -9.88
C MET B 206 -21.83 -25.90 -9.64
N VAL B 207 -21.63 -26.32 -8.38
CA VAL B 207 -20.51 -27.14 -8.02
C VAL B 207 -20.99 -28.55 -7.76
N ALA B 208 -20.68 -29.44 -8.71
CA ALA B 208 -21.18 -30.80 -8.76
C ALA B 208 -20.07 -31.75 -9.20
N ALA B 209 -20.40 -33.00 -9.51
CA ALA B 209 -19.39 -34.00 -9.84
C ALA B 209 -18.35 -33.52 -10.84
N PRO B 210 -18.70 -32.83 -11.95
CA PRO B 210 -17.65 -32.44 -12.91
C PRO B 210 -16.64 -31.48 -12.30
N GLU B 211 -17.13 -30.55 -11.48
CA GLU B 211 -16.25 -29.60 -10.81
C GLU B 211 -15.31 -30.32 -9.83
N PHE B 212 -15.80 -31.30 -9.06
CA PHE B 212 -14.93 -32.03 -8.16
C PHE B 212 -13.90 -32.84 -8.92
N GLU B 213 -14.26 -33.36 -10.10
CA GLU B 213 -13.29 -34.05 -10.94
C GLU B 213 -12.18 -33.10 -11.39
N THR B 214 -12.55 -31.91 -11.85
CA THR B 214 -11.58 -30.93 -12.31
C THR B 214 -10.65 -30.49 -11.16
N MET B 215 -11.21 -30.25 -9.98
CA MET B 215 -10.39 -29.80 -8.84
C MET B 215 -9.24 -30.76 -8.55
N ARG B 216 -8.14 -30.19 -8.09
CA ARG B 216 -7.03 -30.98 -7.59
C ARG B 216 -7.50 -31.93 -6.50
N GLU B 217 -6.90 -33.12 -6.49
CA GLU B 217 -7.21 -34.11 -5.47
C GLU B 217 -6.78 -33.66 -4.07
N ASP B 218 -5.78 -32.76 -4.03
CA ASP B 218 -5.30 -32.22 -2.79
C ASP B 218 -6.00 -30.92 -2.37
N ALA B 219 -7.03 -30.49 -3.09
CA ALA B 219 -7.70 -29.23 -2.84
C ALA B 219 -8.87 -29.35 -1.88
N SER B 220 -9.22 -28.21 -1.29
CA SER B 220 -10.35 -28.08 -0.38
C SER B 220 -11.38 -27.09 -0.91
N LEU B 221 -12.66 -27.43 -0.80
CA LEU B 221 -13.77 -26.53 -1.09
C LEU B 221 -14.15 -25.76 0.17
N VAL B 222 -14.42 -24.48 0.05
CA VAL B 222 -14.96 -23.67 1.11
C VAL B 222 -16.31 -23.17 0.60
N ASN B 223 -17.41 -23.43 1.34
CA ASN B 223 -18.71 -22.90 1.01
C ASN B 223 -19.21 -22.02 2.16
N VAL B 224 -19.19 -20.69 1.91
CA VAL B 224 -19.80 -19.71 2.78
C VAL B 224 -20.97 -18.99 2.13
N ALA B 225 -21.49 -19.55 1.04
CA ALA B 225 -22.48 -18.87 0.23
C ALA B 225 -23.88 -19.38 0.63
N ARG B 226 -24.39 -20.39 -0.10
CA ARG B 226 -25.59 -21.13 0.24
C ARG B 226 -25.32 -22.57 -0.10
N GLY B 227 -25.91 -23.48 0.70
CA GLY B 227 -25.70 -24.91 0.50
C GLY B 227 -25.98 -25.34 -0.92
N PRO B 228 -27.16 -24.98 -1.48
CA PRO B 228 -27.51 -25.51 -2.80
C PRO B 228 -26.67 -25.02 -3.98
N VAL B 229 -25.73 -24.08 -3.78
CA VAL B 229 -24.76 -23.80 -4.83
C VAL B 229 -23.96 -25.08 -5.14
N VAL B 230 -23.83 -25.98 -4.16
CA VAL B 230 -23.18 -27.27 -4.32
C VAL B 230 -24.27 -28.33 -4.43
N VAL B 231 -24.04 -29.36 -5.26
CA VAL B 231 -24.86 -30.57 -5.21
C VAL B 231 -24.29 -31.43 -4.09
N GLU B 232 -24.97 -31.35 -2.94
CA GLU B 232 -24.39 -31.88 -1.72
C GLU B 232 -24.05 -33.37 -1.79
N SER B 233 -24.88 -34.17 -2.43
CA SER B 233 -24.59 -35.58 -2.56
C SER B 233 -23.36 -35.83 -3.43
N ASP B 234 -23.10 -34.98 -4.43
CA ASP B 234 -21.89 -35.09 -5.19
C ASP B 234 -20.65 -34.72 -4.37
N LEU B 235 -20.81 -33.74 -3.46
CA LEU B 235 -19.71 -33.40 -2.55
C LEU B 235 -19.35 -34.58 -1.64
N VAL B 236 -20.37 -35.26 -1.11
CA VAL B 236 -20.11 -36.43 -0.29
C VAL B 236 -19.40 -37.50 -1.10
N ALA B 237 -19.86 -37.74 -2.33
CA ALA B 237 -19.26 -38.76 -3.18
C ALA B 237 -17.81 -38.40 -3.49
N ALA B 238 -17.52 -37.10 -3.75
CA ALA B 238 -16.17 -36.66 -4.07
C ALA B 238 -15.23 -36.83 -2.89
N LEU B 239 -15.70 -36.51 -1.70
CA LEU B 239 -14.91 -36.74 -0.50
C LEU B 239 -14.66 -38.22 -0.26
N ASP B 240 -15.67 -39.07 -0.45
CA ASP B 240 -15.50 -40.52 -0.31
C ASP B 240 -14.45 -41.05 -1.27
N SER B 241 -14.51 -40.57 -2.53
CA SER B 241 -13.67 -41.07 -3.61
CA SER B 241 -13.65 -41.11 -3.57
C SER B 241 -12.26 -40.48 -3.56
N GLY B 242 -12.07 -39.36 -2.83
CA GLY B 242 -10.78 -38.65 -2.91
C GLY B 242 -10.64 -37.74 -4.13
N ASP B 243 -11.74 -37.38 -4.78
CA ASP B 243 -11.69 -36.45 -5.89
C ASP B 243 -11.18 -35.08 -5.44
N ILE B 244 -11.50 -34.69 -4.18
CA ILE B 244 -10.89 -33.56 -3.48
C ILE B 244 -10.49 -34.02 -2.07
N ALA B 245 -9.72 -33.22 -1.38
CA ALA B 245 -9.19 -33.59 -0.09
C ALA B 245 -10.13 -33.30 1.07
N GLY B 246 -10.94 -32.25 1.00
CA GLY B 246 -11.73 -31.86 2.14
C GLY B 246 -12.45 -30.56 1.83
N ALA B 247 -13.04 -29.98 2.86
CA ALA B 247 -13.94 -28.85 2.71
C ALA B 247 -14.18 -28.15 4.03
N ALA B 248 -14.41 -26.85 3.97
CA ALA B 248 -14.90 -26.06 5.10
C ALA B 248 -16.27 -25.55 4.69
N LEU B 249 -17.28 -25.95 5.44
CA LEU B 249 -18.66 -25.76 5.08
C LEU B 249 -19.42 -25.06 6.18
N ASP B 250 -19.98 -23.89 5.87
CA ASP B 250 -20.76 -23.09 6.77
C ASP B 250 -22.26 -23.14 6.47
N VAL B 251 -22.59 -23.64 5.26
CA VAL B 251 -23.94 -23.61 4.74
C VAL B 251 -24.23 -24.94 4.04
N PHE B 252 -25.51 -25.33 4.06
CA PHE B 252 -25.91 -26.68 3.69
C PHE B 252 -27.26 -26.66 2.97
N SER B 253 -27.55 -27.73 2.22
CA SER B 253 -28.80 -27.75 1.48
C SER B 253 -29.99 -27.84 2.44
N GLU B 254 -29.81 -28.45 3.64
CA GLU B 254 -30.80 -28.41 4.71
C GLU B 254 -30.07 -27.94 5.97
N GLU B 255 -30.61 -26.90 6.63
CA GLU B 255 -30.06 -26.35 7.85
C GLU B 255 -31.13 -26.32 8.93
N PRO B 256 -30.84 -26.72 10.17
CA PRO B 256 -29.56 -27.26 10.60
C PRO B 256 -29.20 -28.53 9.84
N LEU B 257 -27.91 -28.73 9.62
CA LEU B 257 -27.42 -29.94 8.98
C LEU B 257 -27.92 -31.12 9.78
N PRO B 258 -28.66 -32.05 9.16
CA PRO B 258 -29.10 -33.23 9.88
C PRO B 258 -27.94 -33.99 10.51
N GLU B 259 -28.18 -34.56 11.70
CA GLU B 259 -27.16 -35.28 12.42
C GLU B 259 -26.63 -36.46 11.61
N ASP B 260 -27.42 -36.98 10.66
CA ASP B 260 -26.98 -38.10 9.84
C ASP B 260 -26.42 -37.72 8.47
N SER B 261 -26.05 -36.46 8.28
CA SER B 261 -25.28 -36.12 7.10
C SER B 261 -23.94 -36.83 7.17
N PRO B 262 -23.47 -37.46 6.07
CA PRO B 262 -22.10 -37.96 6.05
C PRO B 262 -21.02 -36.88 6.25
N LEU B 263 -21.35 -35.61 6.06
CA LEU B 263 -20.34 -34.58 6.07
C LEU B 263 -19.68 -34.41 7.43
N TRP B 264 -20.39 -34.71 8.53
CA TRP B 264 -19.84 -34.55 9.87
C TRP B 264 -18.57 -35.36 10.09
N ASP B 265 -18.45 -36.54 9.44
CA ASP B 265 -17.50 -37.54 9.84
C ASP B 265 -16.16 -37.48 9.15
N PHE B 266 -16.00 -36.64 8.12
CA PHE B 266 -14.69 -36.56 7.46
C PHE B 266 -13.73 -35.76 8.31
N GLU B 267 -12.52 -36.31 8.50
CA GLU B 267 -11.52 -35.59 9.27
C GLU B 267 -11.23 -34.22 8.67
N ASP B 268 -11.08 -34.14 7.34
CA ASP B 268 -10.70 -32.92 6.67
C ASP B 268 -11.91 -32.13 6.17
N VAL B 269 -13.09 -32.34 6.76
CA VAL B 269 -14.17 -31.41 6.66
C VAL B 269 -14.33 -30.64 7.95
N LEU B 270 -14.46 -29.31 7.86
CA LEU B 270 -14.86 -28.46 8.97
C LEU B 270 -16.33 -28.10 8.76
N ILE B 271 -17.19 -28.41 9.73
CA ILE B 271 -18.60 -28.00 9.78
C ILE B 271 -18.71 -26.79 10.69
N THR B 272 -19.28 -25.71 10.22
CA THR B 272 -19.65 -24.60 11.07
C THR B 272 -21.12 -24.29 10.87
N PRO B 273 -21.85 -23.90 11.92
CA PRO B 273 -23.32 -23.85 11.86
C PRO B 273 -23.89 -22.51 11.36
N HIS B 274 -23.54 -22.14 10.11
CA HIS B 274 -23.97 -20.90 9.49
C HIS B 274 -23.67 -19.70 10.40
N VAL B 275 -22.38 -19.59 10.71
CA VAL B 275 -21.84 -18.61 11.64
C VAL B 275 -20.56 -17.99 11.10
N SER B 276 -20.26 -18.11 9.79
CA SER B 276 -19.05 -17.43 9.30
C SER B 276 -19.14 -15.93 9.35
N ALA B 277 -20.36 -15.40 9.42
CA ALA B 277 -20.60 -13.97 9.52
C ALA B 277 -21.01 -13.56 10.93
N ALA B 278 -20.94 -14.44 11.93
CA ALA B 278 -21.42 -14.10 13.26
C ALA B 278 -20.52 -13.01 13.85
N THR B 279 -21.15 -12.12 14.60
CA THR B 279 -20.44 -11.04 15.28
C THR B 279 -21.28 -10.47 16.40
N SER B 280 -20.63 -10.23 17.56
CA SER B 280 -21.27 -9.59 18.70
C SER B 280 -21.74 -8.17 18.43
N LYS B 281 -21.41 -7.59 17.26
CA LYS B 281 -21.82 -6.25 16.89
C LYS B 281 -22.76 -6.25 15.69
N TYR B 282 -23.37 -7.41 15.39
CA TYR B 282 -24.25 -7.46 14.21
C TYR B 282 -25.38 -6.44 14.30
N HIS B 283 -25.90 -6.22 15.52
CA HIS B 283 -26.96 -5.27 15.73
C HIS B 283 -26.55 -3.88 15.25
N GLU B 284 -25.31 -3.45 15.55
CA GLU B 284 -24.83 -2.15 15.10
C GLU B 284 -24.67 -2.16 13.58
N ASP B 285 -24.13 -3.24 13.01
CA ASP B 285 -23.81 -3.29 11.59
C ASP B 285 -25.11 -3.18 10.76
N VAL B 286 -26.15 -3.92 11.16
CA VAL B 286 -27.44 -3.82 10.49
C VAL B 286 -28.12 -2.48 10.77
N ALA B 287 -28.04 -1.98 12.00
CA ALA B 287 -28.68 -0.70 12.30
C ALA B 287 -28.14 0.42 11.39
N ALA B 288 -26.82 0.42 11.08
CA ALA B 288 -26.26 1.39 10.15
C ALA B 288 -26.98 1.39 8.80
N LEU B 289 -27.22 0.19 8.27
CA LEU B 289 -27.94 0.12 7.01
C LEU B 289 -29.36 0.62 7.13
N ILE B 290 -30.05 0.31 8.24
CA ILE B 290 -31.41 0.80 8.43
C ILE B 290 -31.42 2.33 8.47
N ARG B 291 -30.48 2.92 9.23
CA ARG B 291 -30.42 4.38 9.33
CA ARG B 291 -30.53 4.38 9.31
C ARG B 291 -30.25 4.98 7.93
N GLU B 292 -29.34 4.36 7.18
CA GLU B 292 -29.08 4.79 5.82
C GLU B 292 -30.33 4.80 4.96
N ASN B 293 -31.06 3.69 4.96
CA ASN B 293 -32.24 3.61 4.08
C ASN B 293 -33.44 4.38 4.60
N ILE B 294 -33.59 4.54 5.92
CA ILE B 294 -34.66 5.42 6.42
C ILE B 294 -34.43 6.82 5.85
N GLU B 295 -33.17 7.27 5.85
CA GLU B 295 -32.85 8.61 5.34
C GLU B 295 -33.07 8.68 3.82
N LYS B 296 -32.72 7.62 3.09
CA LYS B 296 -32.96 7.57 1.64
C LYS B 296 -34.45 7.69 1.33
N ILE B 297 -35.27 6.86 1.98
CA ILE B 297 -36.69 6.91 1.72
C ILE B 297 -37.27 8.26 2.07
N ALA B 298 -36.88 8.80 3.22
CA ALA B 298 -37.38 10.09 3.69
C ALA B 298 -37.14 11.21 2.68
N THR B 299 -36.02 11.14 1.95
CA THR B 299 -35.55 12.21 1.09
C THR B 299 -35.81 11.93 -0.39
N GLY B 300 -36.33 10.75 -0.74
CA GLY B 300 -36.66 10.42 -2.12
C GLY B 300 -35.50 9.92 -2.95
N ASP B 301 -34.41 9.55 -2.28
CA ASP B 301 -33.27 8.92 -2.92
C ASP B 301 -33.50 7.43 -3.21
N GLU B 302 -32.68 6.89 -4.12
CA GLU B 302 -32.68 5.47 -4.38
C GLU B 302 -32.25 4.74 -3.11
N LEU B 303 -32.93 3.62 -2.77
CA LEU B 303 -32.56 2.84 -1.61
C LEU B 303 -31.27 2.04 -1.88
N THR B 304 -30.50 1.81 -0.82
CA THR B 304 -29.33 0.97 -0.87
C THR B 304 -29.78 -0.49 -0.81
N ASN B 305 -29.21 -1.33 -1.67
CA ASN B 305 -29.45 -2.78 -1.70
C ASN B 305 -30.93 -3.10 -1.95
N ARG B 306 -31.55 -2.34 -2.86
CA ARG B 306 -32.93 -2.57 -3.24
C ARG B 306 -33.01 -3.71 -4.25
N VAL B 307 -33.80 -4.73 -3.88
CA VAL B 307 -33.98 -5.91 -4.70
C VAL B 307 -35.17 -5.70 -5.63
N VAL B 308 -36.27 -5.14 -5.12
CA VAL B 308 -37.51 -4.93 -5.85
C VAL B 308 -38.30 -3.79 -5.16
N MET C 1 50.13 15.39 -12.77
CA MET C 1 50.68 16.42 -13.72
C MET C 1 50.86 15.87 -15.14
N HIS C 2 51.22 14.58 -15.29
CA HIS C 2 51.19 13.89 -16.58
C HIS C 2 50.33 12.63 -16.44
N ILE C 3 49.06 12.66 -16.91
CA ILE C 3 48.14 11.52 -16.74
C ILE C 3 48.30 10.59 -17.94
N GLU C 4 48.46 9.29 -17.64
CA GLU C 4 48.68 8.24 -18.64
C GLU C 4 47.54 7.24 -18.74
N ARG C 5 46.63 7.24 -17.77
CA ARG C 5 45.58 6.26 -17.69
C ARG C 5 44.49 6.83 -16.78
N LEU C 6 43.20 6.56 -17.09
CA LEU C 6 42.12 6.80 -16.16
C LEU C 6 41.57 5.43 -15.75
N ALA C 7 41.70 5.11 -14.47
CA ALA C 7 41.10 3.90 -13.93
C ALA C 7 39.71 4.23 -13.45
N VAL C 8 38.73 3.35 -13.72
CA VAL C 8 37.35 3.52 -13.32
C VAL C 8 37.04 2.50 -12.24
N ASP C 9 37.04 2.97 -10.98
CA ASP C 9 36.78 2.09 -9.86
C ASP C 9 35.39 1.48 -9.99
N GLU C 10 35.26 0.20 -9.59
CA GLU C 10 33.99 -0.49 -9.70
C GLU C 10 32.89 0.17 -8.90
N SER C 11 33.24 0.93 -7.87
CA SER C 11 32.28 1.65 -7.05
C SER C 11 31.46 2.67 -7.83
N VAL C 12 31.91 3.10 -9.02
CA VAL C 12 31.09 4.03 -9.80
C VAL C 12 29.73 3.41 -10.14
N GLY C 13 29.65 2.08 -10.16
CA GLY C 13 28.39 1.38 -10.41
C GLY C 13 27.23 1.77 -9.49
N ARG C 14 27.55 2.35 -8.34
CA ARG C 14 26.58 2.94 -7.42
CA ARG C 14 26.56 2.90 -7.43
C ARG C 14 25.76 4.02 -8.11
N ALA C 15 26.30 4.70 -9.15
CA ALA C 15 25.60 5.76 -9.88
C ALA C 15 25.42 5.51 -11.39
N MET C 16 26.30 4.69 -11.99
CA MET C 16 26.27 4.54 -13.44
C MET C 16 26.99 3.25 -13.82
N PRO C 17 26.62 2.60 -14.93
CA PRO C 17 27.31 1.40 -15.34
C PRO C 17 28.76 1.72 -15.69
N PRO C 18 29.77 1.09 -15.04
CA PRO C 18 31.15 1.45 -15.37
C PRO C 18 31.49 1.42 -16.86
N GLN C 19 30.99 0.43 -17.58
CA GLN C 19 31.35 0.31 -18.99
C GLN C 19 30.75 1.48 -19.79
N ARG C 20 29.59 2.03 -19.38
CA ARG C 20 29.03 3.13 -20.13
C ARG C 20 29.90 4.37 -19.99
N PHE C 21 30.41 4.57 -18.77
CA PHE C 21 31.36 5.62 -18.49
C PHE C 21 32.68 5.44 -19.23
N ILE C 22 33.25 4.24 -19.21
CA ILE C 22 34.46 3.94 -19.93
C ILE C 22 34.26 4.28 -21.41
N GLU C 23 33.15 3.83 -21.99
CA GLU C 23 32.92 4.00 -23.43
C GLU C 23 32.70 5.46 -23.81
N ALA C 24 32.11 6.25 -22.90
CA ALA C 24 31.89 7.66 -23.13
C ALA C 24 33.20 8.41 -23.25
N LEU C 25 34.26 7.85 -22.69
CA LEU C 25 35.57 8.47 -22.69
C LEU C 25 36.54 7.73 -23.62
N SER C 26 36.00 7.07 -24.66
CA SER C 26 36.85 6.33 -25.61
C SER C 26 37.77 7.24 -26.42
N ASP C 27 37.47 8.55 -26.52
CA ASP C 27 38.14 9.56 -27.32
CA ASP C 27 38.32 9.44 -27.32
C ASP C 27 38.99 10.49 -26.44
N LEU C 28 39.14 10.17 -25.15
CA LEU C 28 39.78 11.11 -24.22
C LEU C 28 41.24 11.43 -24.52
N GLY C 29 41.98 10.50 -25.11
CA GLY C 29 43.39 10.67 -25.40
C GLY C 29 44.32 9.90 -24.47
N VAL C 30 43.74 9.28 -23.44
CA VAL C 30 44.43 8.30 -22.61
C VAL C 30 43.51 7.10 -22.48
N PRO C 31 44.05 5.88 -22.27
CA PRO C 31 43.20 4.71 -22.06
C PRO C 31 42.39 4.85 -20.78
N VAL C 32 41.19 4.28 -20.81
CA VAL C 32 40.26 4.29 -19.69
C VAL C 32 39.90 2.85 -19.42
N GLU C 33 40.15 2.40 -18.19
CA GLU C 33 40.20 0.99 -17.86
C GLU C 33 39.43 0.75 -16.56
N PHE C 34 38.61 -0.32 -16.52
CA PHE C 34 37.99 -0.76 -15.30
C PHE C 34 39.02 -1.11 -14.23
N ALA C 35 38.74 -0.75 -12.99
CA ALA C 35 39.56 -1.15 -11.86
C ALA C 35 38.71 -1.81 -10.79
N GLY C 36 39.03 -3.06 -10.46
CA GLY C 36 38.42 -3.76 -9.35
C GLY C 36 38.91 -3.24 -8.00
N GLU C 37 38.20 -3.66 -6.95
CA GLU C 37 38.36 -3.10 -5.61
C GLU C 37 39.71 -3.39 -4.95
N ASP C 38 40.49 -4.35 -5.49
CA ASP C 38 41.77 -4.73 -4.92
C ASP C 38 42.93 -4.49 -5.92
N GLU C 39 42.89 -3.37 -6.67
N GLU C 39 42.91 -3.37 -6.65
CA GLU C 39 43.90 -2.98 -7.64
CA GLU C 39 44.01 -3.06 -7.55
C GLU C 39 44.88 -1.99 -7.01
C GLU C 39 44.91 -2.00 -6.95
N GLN C 40 46.14 -1.99 -7.48
CA GLN C 40 47.17 -1.04 -7.11
C GLN C 40 47.29 0.04 -8.19
N PHE C 41 47.77 1.21 -7.77
CA PHE C 41 47.88 2.36 -8.64
C PHE C 41 49.31 2.85 -8.57
N GLY C 42 49.61 3.82 -9.42
CA GLY C 42 50.95 4.36 -9.50
C GLY C 42 51.05 5.64 -10.31
N PRO C 43 52.29 6.13 -10.49
CA PRO C 43 52.51 7.36 -11.25
C PRO C 43 51.80 7.34 -12.60
N GLY C 44 51.16 8.48 -12.90
CA GLY C 44 50.44 8.66 -14.14
C GLY C 44 48.98 8.22 -14.06
N ASP C 45 48.56 7.59 -12.96
CA ASP C 45 47.17 7.15 -12.86
C ASP C 45 46.29 8.27 -12.32
N ALA C 46 45.13 8.40 -12.99
CA ALA C 46 43.96 9.07 -12.43
C ALA C 46 42.97 7.96 -12.11
N VAL C 47 42.12 8.18 -11.10
CA VAL C 47 41.09 7.21 -10.73
C VAL C 47 39.76 7.96 -10.55
N ALA C 48 38.69 7.46 -11.16
CA ALA C 48 37.35 7.94 -10.89
C ALA C 48 36.68 6.93 -9.95
N SER C 49 36.09 7.43 -8.86
CA SER C 49 35.55 6.54 -7.84
C SER C 49 34.37 7.19 -7.15
N PHE C 50 33.50 6.35 -6.57
CA PHE C 50 32.43 6.80 -5.69
C PHE C 50 32.96 7.18 -4.30
N GLY C 51 33.72 6.25 -3.73
CA GLY C 51 34.31 6.40 -2.41
C GLY C 51 35.83 6.30 -2.41
N HIS C 52 36.39 6.42 -1.21
CA HIS C 52 37.83 6.37 -1.00
C HIS C 52 38.31 4.92 -0.85
N ARG C 53 39.52 4.69 -1.38
CA ARG C 53 40.37 3.55 -1.05
C ARG C 53 41.80 4.06 -0.79
N ASP C 54 42.44 3.54 0.25
CA ASP C 54 43.84 3.87 0.52
C ASP C 54 44.74 3.57 -0.67
N ALA C 55 44.46 2.55 -1.48
CA ALA C 55 45.26 2.25 -2.67
C ALA C 55 45.36 3.47 -3.60
N PHE C 56 44.36 4.37 -3.55
CA PHE C 56 44.33 5.49 -4.48
C PHE C 56 45.42 6.51 -4.19
N LEU C 57 46.00 6.48 -2.98
CA LEU C 57 47.00 7.46 -2.60
C LEU C 57 48.34 7.23 -3.34
N ASP C 58 48.47 6.12 -4.09
CA ASP C 58 49.58 5.93 -5.02
C ASP C 58 49.31 6.52 -6.41
N ALA C 59 48.07 6.92 -6.71
CA ALA C 59 47.75 7.59 -7.95
C ALA C 59 48.07 9.09 -7.84
N ASP C 60 48.02 9.77 -8.98
CA ASP C 60 48.30 11.20 -9.04
C ASP C 60 47.03 11.98 -8.73
N TRP C 61 45.86 11.46 -9.10
CA TRP C 61 44.61 12.22 -9.09
C TRP C 61 43.43 11.26 -8.89
N VAL C 62 42.54 11.60 -7.95
CA VAL C 62 41.26 10.93 -7.77
C VAL C 62 40.15 11.94 -8.07
N HIS C 63 39.22 11.55 -8.96
CA HIS C 63 38.01 12.29 -9.19
C HIS C 63 36.85 11.55 -8.53
N CYS C 64 36.30 12.16 -7.47
CA CYS C 64 35.12 11.64 -6.82
C CYS C 64 33.92 11.95 -7.73
N ILE C 65 33.12 10.91 -8.05
CA ILE C 65 32.00 11.07 -8.97
C ILE C 65 30.75 11.64 -8.29
N ARG C 66 30.87 12.08 -7.03
CA ARG C 66 29.79 12.69 -6.28
C ARG C 66 30.13 14.16 -6.04
N ALA C 67 29.10 14.99 -5.79
CA ALA C 67 29.39 16.34 -5.31
C ALA C 67 29.91 16.32 -3.90
N GLY C 68 29.29 15.50 -3.04
CA GLY C 68 29.65 15.43 -1.64
C GLY C 68 30.85 14.51 -1.44
N TYR C 69 31.90 15.05 -0.82
CA TYR C 69 33.16 14.37 -0.60
C TYR C 69 33.44 14.19 0.90
N ASP C 70 32.40 14.29 1.72
CA ASP C 70 32.50 14.19 3.15
C ASP C 70 33.06 12.84 3.64
N GLU C 71 32.97 11.78 2.81
CA GLU C 71 33.43 10.43 3.13
C GLU C 71 34.86 10.20 2.65
N PHE C 72 35.54 11.26 2.17
CA PHE C 72 36.96 11.20 1.83
C PHE C 72 37.83 11.84 2.91
N PRO C 73 38.96 11.22 3.26
CA PRO C 73 39.92 11.75 4.23
C PRO C 73 40.82 12.82 3.60
N VAL C 74 40.34 14.06 3.50
CA VAL C 74 40.96 15.07 2.66
C VAL C 74 42.37 15.35 3.15
N GLY C 75 42.57 15.37 4.47
CA GLY C 75 43.89 15.54 5.07
C GLY C 75 44.95 14.57 4.56
N VAL C 76 44.59 13.31 4.33
CA VAL C 76 45.49 12.24 3.92
C VAL C 76 45.91 12.42 2.45
N TYR C 77 45.02 13.00 1.63
CA TYR C 77 45.32 13.27 0.22
C TYR C 77 46.41 14.33 0.14
N GLU C 78 46.25 15.39 0.93
CA GLU C 78 47.19 16.48 0.99
C GLU C 78 48.58 15.96 1.37
N GLU C 79 48.62 15.11 2.42
CA GLU C 79 49.86 14.49 2.88
C GLU C 79 50.51 13.66 1.77
N ALA C 80 49.72 12.89 1.01
CA ALA C 80 50.26 11.97 0.02
C ALA C 80 50.55 12.66 -1.32
N GLY C 81 50.12 13.92 -1.51
CA GLY C 81 50.36 14.62 -2.77
C GLY C 81 49.45 14.17 -3.92
N THR C 82 48.33 13.53 -3.60
CA THR C 82 47.35 13.08 -4.58
C THR C 82 46.27 14.15 -4.69
N TYR C 83 45.95 14.61 -5.92
CA TYR C 83 44.90 15.60 -6.11
C TYR C 83 43.55 14.90 -5.89
N LEU C 84 42.59 15.66 -5.36
CA LEU C 84 41.21 15.20 -5.21
C LEU C 84 40.30 16.25 -5.81
N THR C 85 39.42 15.82 -6.75
CA THR C 85 38.38 16.68 -7.27
C THR C 85 37.02 16.02 -7.01
N ASN C 86 35.96 16.84 -7.00
CA ASN C 86 34.60 16.37 -6.84
CA ASN C 86 34.61 16.34 -6.86
C ASN C 86 33.78 16.75 -8.07
N SER C 87 32.50 16.34 -8.03
CA SER C 87 31.61 16.52 -9.17
C SER C 87 30.54 17.59 -8.96
N THR C 88 30.81 18.55 -8.06
CA THR C 88 29.88 19.67 -7.92
CA THR C 88 29.87 19.67 -7.93
C THR C 88 29.72 20.37 -9.28
N GLY C 89 28.49 20.84 -9.54
CA GLY C 89 28.22 21.62 -10.74
C GLY C 89 27.33 20.92 -11.74
N ILE C 90 27.11 19.62 -11.56
CA ILE C 90 26.40 18.84 -12.58
C ILE C 90 25.00 18.37 -12.16
N HIS C 91 24.60 18.68 -10.90
CA HIS C 91 23.36 18.12 -10.37
C HIS C 91 22.22 19.14 -10.23
N GLY C 92 22.40 20.37 -10.79
CA GLY C 92 21.38 21.39 -10.61
C GLY C 92 20.05 21.06 -11.29
N THR C 93 20.09 20.51 -12.50
CA THR C 93 18.86 20.20 -13.22
C THR C 93 18.15 18.99 -12.60
N THR C 94 18.89 17.90 -12.39
CA THR C 94 18.25 16.71 -11.81
C THR C 94 17.63 17.04 -10.45
N VAL C 95 18.43 17.60 -9.53
CA VAL C 95 17.93 17.83 -8.18
C VAL C 95 16.87 18.92 -8.22
N GLY C 96 17.11 19.98 -9.01
CA GLY C 96 16.10 21.02 -9.10
C GLY C 96 14.75 20.47 -9.55
N GLU C 97 14.76 19.62 -10.60
CA GLU C 97 13.53 18.98 -11.07
C GLU C 97 12.93 18.08 -9.98
N THR C 98 13.74 17.28 -9.30
CA THR C 98 13.17 16.41 -8.29
C THR C 98 12.47 17.22 -7.19
N VAL C 99 13.13 18.31 -6.74
CA VAL C 99 12.59 19.14 -5.65
C VAL C 99 11.31 19.86 -6.11
N ALA C 100 11.31 20.35 -7.40
CA ALA C 100 10.08 20.91 -7.92
C ALA C 100 8.98 19.82 -7.88
N GLY C 101 9.37 18.59 -8.28
CA GLY C 101 8.44 17.50 -8.22
C GLY C 101 7.90 17.20 -6.81
N TYR C 102 8.75 17.21 -5.82
CA TYR C 102 8.31 17.02 -4.44
C TYR C 102 7.27 18.09 -4.06
N MET C 103 7.61 19.37 -4.35
CA MET C 103 6.74 20.46 -3.92
C MET C 103 5.39 20.38 -4.63
N LEU C 104 5.42 20.12 -5.95
CA LEU C 104 4.19 19.98 -6.70
C LEU C 104 3.38 18.76 -6.24
N THR C 105 4.07 17.69 -5.87
CA THR C 105 3.37 16.51 -5.36
C THR C 105 2.59 16.92 -4.10
N PHE C 106 3.23 17.65 -3.17
CA PHE C 106 2.49 18.07 -2.00
C PHE C 106 1.38 19.07 -2.29
N ALA C 107 1.65 20.07 -3.13
CA ALA C 107 0.63 21.09 -3.41
C ALA C 107 -0.62 20.48 -4.08
N ARG C 108 -0.36 19.58 -5.04
CA ARG C 108 -1.41 19.03 -5.89
C ARG C 108 -1.93 17.68 -5.40
N ARG C 109 -1.35 17.16 -4.31
CA ARG C 109 -1.79 15.95 -3.59
C ARG C 109 -1.54 14.68 -4.40
N LEU C 110 -0.53 14.68 -5.29
CA LEU C 110 -0.33 13.53 -6.17
C LEU C 110 -0.01 12.24 -5.40
N HIS C 111 0.71 12.34 -4.27
CA HIS C 111 1.07 11.18 -3.49
C HIS C 111 -0.17 10.51 -2.88
N ALA C 112 -1.10 11.34 -2.39
CA ALA C 112 -2.35 10.80 -1.85
C ALA C 112 -3.14 10.10 -2.95
N TYR C 113 -3.15 10.67 -4.15
CA TYR C 113 -3.88 10.03 -5.24
C TYR C 113 -3.21 8.71 -5.63
N ARG C 114 -1.88 8.65 -5.57
CA ARG C 114 -1.18 7.40 -5.90
C ARG C 114 -1.53 6.32 -4.85
N ASP C 115 -1.63 6.69 -3.59
CA ASP C 115 -2.02 5.77 -2.53
C ASP C 115 -3.40 5.19 -2.85
N ALA C 116 -4.32 6.09 -3.19
CA ALA C 116 -5.69 5.71 -3.51
C ALA C 116 -5.72 4.81 -4.73
N GLN C 117 -4.85 5.03 -5.71
CA GLN C 117 -4.80 4.23 -6.92
C GLN C 117 -4.57 2.75 -6.58
N HIS C 118 -3.68 2.51 -5.62
CA HIS C 118 -3.45 1.14 -5.20
C HIS C 118 -4.72 0.45 -4.71
N ASP C 119 -5.64 1.23 -4.14
CA ASP C 119 -6.88 0.71 -3.57
C ASP C 119 -8.06 0.90 -4.49
N HIS C 120 -7.85 1.34 -5.74
CA HIS C 120 -8.92 1.56 -6.71
C HIS C 120 -9.99 2.48 -6.13
N ALA C 121 -9.54 3.47 -5.37
CA ALA C 121 -10.39 4.36 -4.61
C ALA C 121 -10.43 5.73 -5.28
N TRP C 122 -11.63 6.21 -5.60
CA TRP C 122 -11.85 7.58 -6.11
C TRP C 122 -12.07 8.46 -4.90
N ASP C 123 -10.97 8.87 -4.29
CA ASP C 123 -10.95 9.55 -2.99
C ASP C 123 -10.70 11.04 -3.26
N LEU C 124 -11.70 11.87 -3.03
CA LEU C 124 -11.54 13.29 -3.28
C LEU C 124 -10.87 13.96 -2.08
N PRO C 125 -9.99 14.94 -2.33
CA PRO C 125 -9.31 15.61 -1.21
C PRO C 125 -10.31 16.46 -0.42
N ARG C 126 -9.97 16.71 0.85
CA ARG C 126 -10.68 17.73 1.59
CA ARG C 126 -10.69 17.74 1.59
C ARG C 126 -10.49 19.07 0.87
N TYR C 127 -11.46 19.97 0.98
CA TYR C 127 -11.43 21.20 0.20
C TYR C 127 -10.17 22.00 0.48
N GLU C 128 -9.71 22.01 1.72
CA GLU C 128 -8.53 22.82 2.03
C GLU C 128 -7.20 22.22 1.58
N GLU C 129 -7.17 20.95 1.14
CA GLU C 129 -5.88 20.30 0.90
C GLU C 129 -5.16 20.81 -0.34
N PRO C 130 -5.77 20.92 -1.54
CA PRO C 130 -5.02 21.27 -2.74
C PRO C 130 -4.72 22.76 -2.73
N PHE C 131 -3.49 23.11 -3.11
CA PHE C 131 -3.09 24.49 -3.23
C PHE C 131 -2.13 24.64 -4.39
N THR C 132 -1.75 25.88 -4.70
CA THR C 132 -0.77 26.13 -5.75
C THR C 132 0.55 26.60 -5.15
N LEU C 133 1.64 26.15 -5.74
CA LEU C 133 2.94 26.70 -5.39
C LEU C 133 3.02 28.19 -5.67
N ALA C 134 2.37 28.63 -6.75
CA ALA C 134 2.35 30.05 -7.05
C ALA C 134 1.88 30.83 -5.81
N GLY C 135 2.71 31.79 -5.38
CA GLY C 135 2.40 32.62 -4.23
C GLY C 135 2.83 32.05 -2.86
N GLU C 136 3.30 30.80 -2.80
CA GLU C 136 3.79 30.19 -1.58
C GLU C 136 5.29 30.45 -1.43
N ARG C 137 5.77 30.38 -0.19
CA ARG C 137 7.17 30.70 0.12
C ARG C 137 8.01 29.44 0.31
N VAL C 138 9.18 29.44 -0.29
CA VAL C 138 10.18 28.40 -0.10
C VAL C 138 11.46 29.08 0.41
N CYS C 139 12.10 28.46 1.41
CA CYS C 139 13.42 28.81 1.90
C CYS C 139 14.42 27.74 1.48
N VAL C 140 15.44 28.14 0.73
CA VAL C 140 16.46 27.23 0.26
C VAL C 140 17.74 27.47 1.07
N VAL C 141 18.15 26.47 1.83
CA VAL C 141 19.29 26.53 2.71
C VAL C 141 20.47 25.90 1.99
N GLY C 142 21.44 26.74 1.59
CA GLY C 142 22.48 26.35 0.66
C GLY C 142 22.11 26.78 -0.75
N LEU C 143 22.94 27.69 -1.30
CA LEU C 143 22.64 28.36 -2.56
C LEU C 143 23.78 28.19 -3.57
N GLY C 144 24.25 26.95 -3.68
CA GLY C 144 25.21 26.54 -4.68
C GLY C 144 24.51 25.88 -5.87
N THR C 145 25.13 24.84 -6.44
CA THR C 145 24.53 24.20 -7.61
C THR C 145 23.13 23.66 -7.35
N LEU C 146 23.00 22.87 -6.26
CA LEU C 146 21.69 22.31 -5.96
C LEU C 146 20.70 23.41 -5.62
N GLY C 147 21.11 24.30 -4.70
CA GLY C 147 20.22 25.34 -4.21
C GLY C 147 19.71 26.23 -5.35
N ARG C 148 20.62 26.64 -6.23
CA ARG C 148 20.21 27.49 -7.36
C ARG C 148 19.30 26.75 -8.33
N GLY C 149 19.53 25.45 -8.51
CA GLY C 149 18.62 24.68 -9.34
C GLY C 149 17.20 24.66 -8.81
N VAL C 150 17.10 24.56 -7.47
CA VAL C 150 15.80 24.64 -6.82
C VAL C 150 15.19 26.04 -6.94
N VAL C 151 16.00 27.05 -6.58
CA VAL C 151 15.58 28.45 -6.59
C VAL C 151 15.00 28.82 -7.96
N ASP C 152 15.74 28.49 -9.01
CA ASP C 152 15.35 28.99 -10.33
C ASP C 152 13.99 28.38 -10.74
N ARG C 153 13.78 27.11 -10.43
CA ARG C 153 12.52 26.46 -10.72
C ARG C 153 11.37 26.94 -9.86
N ALA C 154 11.63 27.13 -8.57
CA ALA C 154 10.63 27.69 -7.68
C ALA C 154 10.21 29.09 -8.15
N ALA C 155 11.19 29.95 -8.46
CA ALA C 155 10.87 31.30 -8.90
C ALA C 155 10.03 31.29 -10.18
N ALA C 156 10.38 30.41 -11.12
CA ALA C 156 9.65 30.32 -12.38
C ALA C 156 8.23 29.84 -12.18
N LEU C 157 7.99 29.04 -11.12
CA LEU C 157 6.64 28.57 -10.75
C LEU C 157 5.88 29.65 -9.97
N GLY C 158 6.47 30.82 -9.70
CA GLY C 158 5.73 31.89 -9.07
C GLY C 158 5.85 31.87 -7.55
N MET C 159 6.78 31.07 -7.01
CA MET C 159 6.96 31.05 -5.56
C MET C 159 7.73 32.29 -5.09
N GLU C 160 7.51 32.64 -3.83
CA GLU C 160 8.39 33.59 -3.16
CA GLU C 160 8.35 33.58 -3.10
C GLU C 160 9.57 32.80 -2.61
N VAL C 161 10.76 33.26 -2.91
CA VAL C 161 11.98 32.51 -2.63
C VAL C 161 12.89 33.30 -1.69
N VAL C 162 13.23 32.68 -0.56
CA VAL C 162 14.25 33.21 0.33
C VAL C 162 15.31 32.12 0.52
N GLY C 163 16.43 32.46 1.11
CA GLY C 163 17.43 31.45 1.28
C GLY C 163 18.52 31.83 2.25
N VAL C 164 19.43 30.88 2.44
CA VAL C 164 20.52 31.00 3.41
C VAL C 164 21.81 30.57 2.70
N ARG C 165 22.89 31.33 2.88
CA ARG C 165 24.19 30.83 2.47
C ARG C 165 25.24 31.41 3.42
N ARG C 166 26.47 30.89 3.36
CA ARG C 166 27.44 31.20 4.37
C ARG C 166 27.64 32.72 4.46
N SER C 167 27.82 33.38 3.32
CA SER C 167 28.10 34.81 3.31
C SER C 167 26.87 35.66 3.57
N GLY C 168 25.69 35.10 3.31
CA GLY C 168 24.46 35.87 3.30
C GLY C 168 24.30 36.84 2.13
N ASP C 169 25.17 36.75 1.10
CA ASP C 169 25.15 37.73 0.02
C ASP C 169 24.06 37.43 -1.00
N PRO C 170 23.56 38.44 -1.73
CA PRO C 170 22.45 38.29 -2.67
C PRO C 170 22.71 37.21 -3.71
N VAL C 171 21.62 36.57 -4.11
CA VAL C 171 21.65 35.49 -5.07
C VAL C 171 20.52 35.76 -6.06
N ASP C 172 20.81 35.54 -7.35
CA ASP C 172 19.81 35.70 -8.39
C ASP C 172 18.58 34.83 -8.09
N ASN C 173 17.40 35.44 -8.26
CA ASN C 173 16.09 34.81 -8.08
C ASN C 173 15.73 34.55 -6.62
N VAL C 174 16.54 35.05 -5.67
CA VAL C 174 16.22 34.95 -4.25
C VAL C 174 15.87 36.34 -3.73
N SER C 175 14.68 36.54 -3.17
CA SER C 175 14.25 37.85 -2.70
C SER C 175 15.05 38.35 -1.51
N THR C 176 15.32 37.45 -0.56
CA THR C 176 16.04 37.76 0.68
C THR C 176 16.98 36.62 1.00
N VAL C 177 18.27 36.92 1.16
CA VAL C 177 19.28 35.97 1.61
C VAL C 177 19.66 36.29 3.02
N TYR C 178 19.75 35.24 3.85
CA TYR C 178 20.12 35.32 5.25
C TYR C 178 21.45 34.62 5.47
N THR C 179 22.22 35.07 6.46
CA THR C 179 23.35 34.29 6.95
C THR C 179 22.86 33.12 7.80
N PRO C 180 23.74 32.16 8.13
CA PRO C 180 23.32 30.98 8.89
C PRO C 180 22.85 31.28 10.32
N ASP C 181 23.30 32.39 10.88
CA ASP C 181 22.87 32.75 12.25
C ASP C 181 21.48 33.37 12.22
N ARG C 182 20.85 33.52 11.02
CA ARG C 182 19.46 33.96 10.91
C ARG C 182 18.60 32.87 10.25
N LEU C 183 19.01 31.60 10.38
CA LEU C 183 18.23 30.50 9.86
C LEU C 183 16.78 30.53 10.32
N HIS C 184 16.55 30.84 11.60
CA HIS C 184 15.18 30.84 12.11
C HIS C 184 14.32 31.90 11.47
N GLU C 185 14.88 33.08 11.22
CA GLU C 185 14.15 34.09 10.45
C GLU C 185 13.85 33.58 9.05
N ALA C 186 14.79 32.88 8.43
CA ALA C 186 14.65 32.46 7.04
C ALA C 186 13.56 31.38 6.90
N ILE C 187 13.44 30.47 7.88
CA ILE C 187 12.53 29.34 7.75
C ILE C 187 11.14 29.65 8.30
N ALA C 188 10.99 30.66 9.15
CA ALA C 188 9.80 30.77 9.98
C ALA C 188 8.53 30.88 9.16
N ASP C 189 8.53 31.54 7.99
CA ASP C 189 7.29 31.79 7.24
C ASP C 189 7.22 30.96 5.97
N ALA C 190 8.07 29.96 5.86
CA ALA C 190 8.18 29.20 4.62
C ALA C 190 7.20 28.03 4.62
N ARG C 191 6.55 27.78 3.46
CA ARG C 191 5.76 26.55 3.31
C ARG C 191 6.66 25.33 3.07
N PHE C 192 7.83 25.54 2.48
CA PHE C 192 8.82 24.52 2.21
C PHE C 192 10.20 25.00 2.62
N VAL C 193 10.95 24.12 3.28
CA VAL C 193 12.33 24.41 3.65
C VAL C 193 13.19 23.34 3.00
N VAL C 194 14.10 23.75 2.10
CA VAL C 194 14.89 22.84 1.30
C VAL C 194 16.35 22.88 1.75
N LEU C 195 16.94 21.72 2.08
CA LEU C 195 18.34 21.64 2.50
C LEU C 195 19.20 21.18 1.33
N ALA C 196 20.23 22.00 1.06
CA ALA C 196 21.10 21.87 -0.09
C ALA C 196 22.56 22.27 0.23
N THR C 197 22.99 21.98 1.48
CA THR C 197 24.34 22.26 1.94
C THR C 197 25.16 20.97 1.91
N PRO C 198 26.50 21.08 1.82
CA PRO C 198 27.35 19.93 2.11
C PRO C 198 27.20 19.52 3.57
N LEU C 199 27.65 18.32 3.87
CA LEU C 199 27.80 17.87 5.24
C LEU C 199 29.22 18.26 5.69
N THR C 200 29.28 19.13 6.72
CA THR C 200 30.54 19.56 7.31
C THR C 200 30.35 19.59 8.82
N ASP C 201 31.43 19.84 9.53
CA ASP C 201 31.32 20.02 10.97
CA ASP C 201 31.33 20.02 10.97
C ASP C 201 30.26 21.08 11.34
N GLU C 202 30.23 22.18 10.54
CA GLU C 202 29.28 23.24 10.80
C GLU C 202 27.85 22.82 10.50
N THR C 203 27.59 22.08 9.39
CA THR C 203 26.19 21.81 9.06
C THR C 203 25.63 20.56 9.70
N GLU C 204 26.46 19.71 10.30
CA GLU C 204 25.93 18.49 10.89
C GLU C 204 24.93 18.84 11.99
N GLY C 205 23.74 18.27 11.93
CA GLY C 205 22.76 18.54 12.96
C GLY C 205 22.18 19.93 12.97
N MET C 206 22.26 20.63 11.84
CA MET C 206 21.69 21.95 11.71
C MET C 206 20.19 22.00 11.98
N VAL C 207 19.46 21.00 11.51
CA VAL C 207 18.01 21.01 11.56
C VAL C 207 17.55 19.96 12.57
N ALA C 208 17.06 20.48 13.69
CA ALA C 208 16.74 19.69 14.87
C ALA C 208 15.48 20.25 15.50
N ALA C 209 15.18 19.79 16.73
CA ALA C 209 13.92 20.16 17.38
C ALA C 209 13.66 21.67 17.36
N PRO C 210 14.62 22.57 17.63
CA PRO C 210 14.27 23.99 17.64
C PRO C 210 13.81 24.48 16.26
N GLU C 211 14.44 23.98 15.22
CA GLU C 211 14.07 24.35 13.85
C GLU C 211 12.68 23.88 13.52
N PHE C 212 12.33 22.64 13.92
CA PHE C 212 11.00 22.14 13.70
C PHE C 212 9.96 22.94 14.45
N GLU C 213 10.30 23.40 15.66
CA GLU C 213 9.40 24.24 16.43
C GLU C 213 9.14 25.50 15.63
N THR C 214 10.22 26.18 15.19
CA THR C 214 10.11 27.44 14.45
C THR C 214 9.30 27.29 13.16
N MET C 215 9.51 26.17 12.44
CA MET C 215 8.81 26.01 11.18
C MET C 215 7.29 26.03 11.40
N ARG C 216 6.60 26.49 10.36
CA ARG C 216 5.15 26.43 10.34
C ARG C 216 4.64 24.98 10.46
N GLU C 217 3.51 24.82 11.14
CA GLU C 217 2.92 23.50 11.28
C GLU C 217 2.37 22.95 9.97
N ASP C 218 2.14 23.83 8.97
CA ASP C 218 1.72 23.40 7.65
C ASP C 218 2.88 23.24 6.67
N ALA C 219 4.13 23.38 7.14
CA ALA C 219 5.32 23.36 6.30
C ALA C 219 5.87 21.95 6.12
N SER C 220 6.67 21.80 5.09
CA SER C 220 7.35 20.54 4.78
C SER C 220 8.84 20.82 4.66
N LEU C 221 9.63 19.87 5.18
CA LEU C 221 11.08 19.84 5.03
C LEU C 221 11.45 19.02 3.80
N VAL C 222 12.35 19.51 2.97
CA VAL C 222 12.95 18.75 1.87
C VAL C 222 14.42 18.57 2.16
N ASN C 223 14.91 17.31 2.22
CA ASN C 223 16.35 17.09 2.40
C ASN C 223 16.89 16.33 1.19
N VAL C 224 17.67 17.07 0.38
CA VAL C 224 18.41 16.50 -0.73
C VAL C 224 19.91 16.65 -0.56
N ALA C 225 20.35 16.92 0.69
CA ALA C 225 21.74 17.26 1.01
C ALA C 225 22.46 16.01 1.48
N ARG C 226 22.54 15.85 2.80
CA ARG C 226 22.99 14.65 3.46
C ARG C 226 22.10 14.41 4.68
N GLY C 227 21.85 13.14 4.99
CA GLY C 227 20.99 12.82 6.13
C GLY C 227 21.35 13.52 7.41
N PRO C 228 22.65 13.48 7.79
CA PRO C 228 23.02 14.05 9.09
C PRO C 228 23.01 15.56 9.22
N VAL C 229 22.62 16.27 8.14
CA VAL C 229 22.29 17.69 8.32
C VAL C 229 21.04 17.85 9.20
N VAL C 230 20.20 16.81 9.27
CA VAL C 230 19.02 16.76 10.10
C VAL C 230 19.31 15.81 11.28
N VAL C 231 18.79 16.16 12.48
CA VAL C 231 18.78 15.21 13.56
C VAL C 231 17.56 14.33 13.38
N GLU C 232 17.77 13.12 12.81
CA GLU C 232 16.68 12.33 12.28
C GLU C 232 15.61 11.98 13.32
N SER C 233 16.04 11.66 14.55
CA SER C 233 15.06 11.33 15.59
C SER C 233 14.21 12.53 15.97
N ASP C 234 14.77 13.76 15.88
CA ASP C 234 13.97 14.94 16.11
C ASP C 234 12.96 15.15 14.98
N LEU C 235 13.32 14.76 13.75
CA LEU C 235 12.39 14.88 12.65
C LEU C 235 11.19 13.95 12.86
N VAL C 236 11.46 12.69 13.26
CA VAL C 236 10.38 11.76 13.57
C VAL C 236 9.48 12.37 14.65
N ALA C 237 10.06 12.91 15.71
CA ALA C 237 9.27 13.44 16.81
C ALA C 237 8.43 14.62 16.34
N ALA C 238 8.99 15.48 15.48
CA ALA C 238 8.26 16.63 14.95
C ALA C 238 7.08 16.21 14.08
N LEU C 239 7.32 15.17 13.28
CA LEU C 239 6.24 14.63 12.46
C LEU C 239 5.11 14.04 13.32
N ASP C 240 5.49 13.28 14.34
CA ASP C 240 4.51 12.70 15.25
C ASP C 240 3.70 13.77 15.97
N SER C 241 4.36 14.84 16.39
CA SER C 241 3.69 15.86 17.19
C SER C 241 2.94 16.88 16.33
N GLY C 242 3.15 16.90 15.00
CA GLY C 242 2.56 17.91 14.16
C GLY C 242 3.29 19.26 14.20
N ASP C 243 4.55 19.27 14.62
CA ASP C 243 5.34 20.50 14.60
C ASP C 243 5.56 20.97 13.15
N ILE C 244 5.65 20.02 12.22
CA ILE C 244 5.61 20.32 10.78
C ILE C 244 4.64 19.31 10.16
N ALA C 245 4.29 19.55 8.91
CA ALA C 245 3.29 18.75 8.21
C ALA C 245 3.84 17.50 7.55
N GLY C 246 5.09 17.55 7.11
CA GLY C 246 5.58 16.49 6.26
C GLY C 246 7.01 16.77 5.81
N ALA C 247 7.47 15.91 4.90
CA ALA C 247 8.85 16.01 4.44
C ALA C 247 9.04 15.19 3.17
N ALA C 248 9.94 15.66 2.31
CA ALA C 248 10.42 14.90 1.18
C ALA C 248 11.89 14.65 1.46
N LEU C 249 12.28 13.38 1.59
CA LEU C 249 13.57 12.98 2.07
C LEU C 249 14.22 12.03 1.07
N ASP C 250 15.39 12.45 0.57
CA ASP C 250 16.16 11.66 -0.35
C ASP C 250 17.43 11.05 0.28
N VAL C 251 17.76 11.53 1.49
CA VAL C 251 19.00 11.22 2.18
C VAL C 251 18.64 11.03 3.65
N PHE C 252 19.45 10.20 4.32
CA PHE C 252 19.14 9.73 5.67
C PHE C 252 20.41 9.48 6.45
N SER C 253 20.30 9.44 7.79
CA SER C 253 21.50 9.26 8.59
CA SER C 253 21.46 9.22 8.64
C SER C 253 22.13 7.87 8.37
N GLU C 254 21.29 6.86 8.12
CA GLU C 254 21.73 5.53 7.69
C GLU C 254 21.01 5.25 6.38
N GLU C 255 21.78 4.84 5.36
CA GLU C 255 21.28 4.48 4.05
C GLU C 255 21.81 3.11 3.70
N PRO C 256 20.98 2.19 3.17
CA PRO C 256 19.53 2.35 3.00
C PRO C 256 18.80 2.63 4.30
N LEU C 257 17.70 3.37 4.21
CA LEU C 257 16.89 3.68 5.38
C LEU C 257 16.39 2.39 5.97
N PRO C 258 16.69 2.06 7.23
CA PRO C 258 16.20 0.78 7.76
C PRO C 258 14.69 0.62 7.66
N GLU C 259 14.27 -0.63 7.51
CA GLU C 259 12.85 -0.94 7.37
CA GLU C 259 12.85 -0.94 7.37
C GLU C 259 12.05 -0.53 8.61
N ASP C 260 12.70 -0.51 9.80
CA ASP C 260 12.03 -0.16 11.04
C ASP C 260 11.90 1.34 11.27
N SER C 261 12.47 2.19 10.38
CA SER C 261 12.30 3.64 10.55
C SER C 261 10.84 4.02 10.56
N PRO C 262 10.38 4.85 11.50
CA PRO C 262 9.04 5.40 11.38
C PRO C 262 8.81 6.26 10.14
N LEU C 263 9.89 6.79 9.54
CA LEU C 263 9.70 7.72 8.42
C LEU C 263 8.96 7.12 7.23
N TRP C 264 9.06 5.81 7.02
CA TRP C 264 8.38 5.21 5.89
C TRP C 264 6.87 5.38 5.96
N ASP C 265 6.34 5.44 7.18
N ASP C 265 6.29 5.48 7.16
CA ASP C 265 4.92 5.21 7.41
CA ASP C 265 4.86 5.25 7.30
C ASP C 265 4.07 6.48 7.20
C ASP C 265 4.02 6.52 7.33
N PHE C 266 4.65 7.70 7.32
CA PHE C 266 3.85 8.92 7.33
C PHE C 266 3.29 9.19 5.93
N GLU C 267 1.99 9.47 5.85
CA GLU C 267 1.37 9.76 4.56
C GLU C 267 2.08 10.92 3.87
N ASP C 268 2.37 11.97 4.62
CA ASP C 268 2.93 13.18 4.06
C ASP C 268 4.45 13.22 4.14
N VAL C 269 5.10 12.06 4.23
CA VAL C 269 6.51 11.94 3.95
C VAL C 269 6.67 11.23 2.62
N LEU C 270 7.53 11.79 1.76
CA LEU C 270 7.98 11.06 0.58
C LEU C 270 9.39 10.56 0.88
N ILE C 271 9.64 9.27 0.70
CA ILE C 271 10.96 8.66 0.77
C ILE C 271 11.43 8.39 -0.64
N THR C 272 12.62 8.87 -0.98
CA THR C 272 13.27 8.46 -2.21
C THR C 272 14.67 7.96 -1.90
N PRO C 273 15.16 6.95 -2.62
CA PRO C 273 16.39 6.22 -2.17
C PRO C 273 17.69 6.82 -2.68
N HIS C 274 17.95 8.07 -2.29
CA HIS C 274 19.16 8.80 -2.68
C HIS C 274 19.32 8.80 -4.21
N VAL C 275 18.29 9.32 -4.86
CA VAL C 275 18.12 9.30 -6.31
C VAL C 275 17.63 10.64 -6.85
N SER C 276 17.66 11.70 -6.05
CA SER C 276 17.22 12.99 -6.55
C SER C 276 18.07 13.53 -7.69
N ALA C 277 19.32 13.04 -7.79
CA ALA C 277 20.23 13.41 -8.85
C ALA C 277 20.39 12.31 -9.91
N ALA C 278 19.60 11.24 -9.83
CA ALA C 278 19.79 10.14 -10.78
C ALA C 278 19.44 10.61 -12.21
N THR C 279 20.21 10.08 -13.16
CA THR C 279 19.97 10.42 -14.56
C THR C 279 20.61 9.36 -15.43
N SER C 280 19.89 8.97 -16.50
CA SER C 280 20.40 8.04 -17.48
C SER C 280 21.58 8.59 -18.29
N LYS C 281 21.93 9.88 -18.11
CA LYS C 281 23.07 10.47 -18.78
C LYS C 281 24.19 10.83 -17.81
N TYR C 282 24.17 10.31 -16.59
CA TYR C 282 25.18 10.64 -15.59
C TYR C 282 26.58 10.38 -16.11
N HIS C 283 26.76 9.29 -16.85
CA HIS C 283 28.05 8.97 -17.41
C HIS C 283 28.60 10.10 -18.27
N GLU C 284 27.73 10.72 -19.07
CA GLU C 284 28.16 11.81 -19.92
CA GLU C 284 28.15 11.82 -19.94
C GLU C 284 28.45 13.05 -19.09
N ASP C 285 27.62 13.30 -18.07
CA ASP C 285 27.79 14.49 -17.24
C ASP C 285 29.11 14.43 -16.48
N VAL C 286 29.48 13.26 -15.96
CA VAL C 286 30.75 13.13 -15.28
C VAL C 286 31.90 13.12 -16.31
N ALA C 287 31.68 12.43 -17.47
CA ALA C 287 32.72 12.43 -18.49
C ALA C 287 33.15 13.85 -18.87
N ALA C 288 32.22 14.79 -18.91
CA ALA C 288 32.53 16.16 -19.30
C ALA C 288 33.50 16.76 -18.29
N LEU C 289 33.34 16.47 -17.00
CA LEU C 289 34.24 16.99 -15.98
C LEU C 289 35.64 16.42 -16.14
N ILE C 290 35.75 15.10 -16.43
CA ILE C 290 37.03 14.47 -16.65
C ILE C 290 37.74 15.09 -17.85
N ARG C 291 37.01 15.30 -18.95
CA ARG C 291 37.60 15.90 -20.15
C ARG C 291 38.15 17.29 -19.88
N GLU C 292 37.37 18.09 -19.12
CA GLU C 292 37.76 19.44 -18.77
C GLU C 292 39.08 19.39 -18.00
N ASN C 293 39.15 18.53 -16.97
CA ASN C 293 40.35 18.50 -16.13
C ASN C 293 41.57 17.89 -16.87
N ILE C 294 41.35 16.93 -17.77
CA ILE C 294 42.42 16.45 -18.65
C ILE C 294 42.94 17.59 -19.53
N GLU C 295 42.05 18.41 -20.09
CA GLU C 295 42.46 19.58 -20.88
C GLU C 295 43.22 20.58 -20.00
N LYS C 296 42.77 20.83 -18.74
CA LYS C 296 43.48 21.76 -17.85
C LYS C 296 44.89 21.23 -17.55
N ILE C 297 45.02 19.92 -17.32
CA ILE C 297 46.31 19.27 -17.13
C ILE C 297 47.21 19.45 -18.36
N ALA C 298 46.71 19.13 -19.56
CA ALA C 298 47.43 19.31 -20.81
C ALA C 298 48.11 20.68 -20.83
N THR C 299 47.37 21.72 -20.40
CA THR C 299 47.81 23.10 -20.47
C THR C 299 48.43 23.59 -19.15
N GLY C 300 48.44 22.77 -18.09
CA GLY C 300 49.03 23.14 -16.81
C GLY C 300 48.26 24.21 -16.04
N ASP C 301 46.91 24.26 -16.17
CA ASP C 301 46.08 25.16 -15.39
C ASP C 301 45.51 24.45 -14.16
N GLU C 302 44.97 25.26 -13.23
CA GLU C 302 44.35 24.78 -12.01
C GLU C 302 43.12 23.93 -12.36
N LEU C 303 42.98 22.82 -11.63
CA LEU C 303 41.87 21.89 -11.83
C LEU C 303 40.55 22.53 -11.36
N THR C 304 39.47 22.13 -12.02
CA THR C 304 38.12 22.46 -11.62
C THR C 304 37.73 21.55 -10.45
N ASN C 305 37.06 22.13 -9.44
CA ASN C 305 36.50 21.39 -8.32
C ASN C 305 37.59 20.67 -7.53
N ARG C 306 38.76 21.29 -7.38
CA ARG C 306 39.81 20.69 -6.58
C ARG C 306 39.53 20.94 -5.10
N VAL C 307 39.51 19.86 -4.34
CA VAL C 307 39.25 19.84 -2.91
C VAL C 307 40.56 19.99 -2.15
N VAL C 308 41.57 19.21 -2.57
CA VAL C 308 42.92 19.27 -2.02
C VAL C 308 43.92 18.75 -3.05
N MET D 1 -31.76 44.10 -19.44
CA MET D 1 -31.41 43.08 -18.42
C MET D 1 -30.59 43.75 -17.32
N HIS D 2 -31.25 43.99 -16.17
CA HIS D 2 -30.58 44.31 -14.92
C HIS D 2 -30.59 43.04 -14.10
N ILE D 3 -29.43 42.65 -13.55
CA ILE D 3 -29.43 41.52 -12.63
C ILE D 3 -29.88 42.03 -11.26
N GLU D 4 -30.88 41.33 -10.70
CA GLU D 4 -31.40 41.70 -9.40
C GLU D 4 -31.21 40.63 -8.31
N ARG D 5 -30.85 39.39 -8.66
CA ARG D 5 -30.66 38.30 -7.69
C ARG D 5 -29.70 37.28 -8.30
N LEU D 6 -28.82 36.68 -7.49
CA LEU D 6 -28.02 35.52 -7.87
C LEU D 6 -28.38 34.28 -7.04
N ALA D 7 -28.78 33.21 -7.73
CA ALA D 7 -29.02 31.89 -7.16
C ALA D 7 -27.80 31.00 -7.31
N VAL D 8 -27.48 30.24 -6.24
CA VAL D 8 -26.37 29.30 -6.24
C VAL D 8 -26.96 27.89 -6.18
N ASP D 9 -26.94 27.18 -7.31
CA ASP D 9 -27.50 25.83 -7.40
C ASP D 9 -26.72 24.88 -6.50
N GLU D 10 -27.40 23.95 -5.82
CA GLU D 10 -26.77 22.97 -4.93
C GLU D 10 -25.68 22.14 -5.63
N SER D 11 -25.78 21.94 -6.95
CA SER D 11 -24.79 21.18 -7.71
C SER D 11 -23.38 21.75 -7.61
N VAL D 12 -23.23 23.04 -7.23
CA VAL D 12 -21.90 23.62 -7.06
C VAL D 12 -21.07 22.85 -6.05
N GLY D 13 -21.74 22.12 -5.14
CA GLY D 13 -21.09 21.26 -4.16
C GLY D 13 -20.25 20.15 -4.74
N ARG D 14 -20.45 19.80 -6.02
CA ARG D 14 -19.58 18.86 -6.71
C ARG D 14 -18.14 19.40 -6.84
N ALA D 15 -17.95 20.73 -6.81
CA ALA D 15 -16.65 21.39 -6.98
C ALA D 15 -16.15 22.07 -5.70
N MET D 16 -17.07 22.62 -4.89
CA MET D 16 -16.69 23.44 -3.77
C MET D 16 -17.86 23.52 -2.80
N PRO D 17 -17.61 23.71 -1.50
CA PRO D 17 -18.69 23.85 -0.55
C PRO D 17 -19.59 25.01 -0.92
N PRO D 18 -20.91 24.80 -1.17
CA PRO D 18 -21.77 25.89 -1.66
C PRO D 18 -21.72 27.09 -0.74
N GLN D 19 -21.61 26.87 0.57
CA GLN D 19 -21.65 28.00 1.48
C GLN D 19 -20.39 28.89 1.32
N ARG D 20 -19.26 28.29 0.97
CA ARG D 20 -18.02 29.05 0.75
C ARG D 20 -18.17 29.99 -0.44
N PHE D 21 -18.78 29.48 -1.52
CA PHE D 21 -19.09 30.26 -2.71
C PHE D 21 -20.08 31.36 -2.38
N ILE D 22 -21.16 31.02 -1.66
CA ILE D 22 -22.16 32.03 -1.30
C ILE D 22 -21.50 33.17 -0.54
N GLU D 23 -20.62 32.83 0.42
CA GLU D 23 -19.92 33.86 1.21
C GLU D 23 -19.00 34.71 0.33
N ALA D 24 -18.35 34.11 -0.66
CA ALA D 24 -17.46 34.85 -1.58
C ALA D 24 -18.22 35.83 -2.48
N LEU D 25 -19.53 35.63 -2.64
CA LEU D 25 -20.38 36.49 -3.46
C LEU D 25 -21.13 37.51 -2.62
N SER D 26 -20.77 37.65 -1.33
CA SER D 26 -21.48 38.54 -0.42
C SER D 26 -21.37 40.03 -0.80
N ASP D 27 -20.35 40.44 -1.57
CA ASP D 27 -20.10 41.84 -1.89
C ASP D 27 -20.75 42.29 -3.20
N LEU D 28 -21.52 41.41 -3.88
CA LEU D 28 -22.24 41.79 -5.08
C LEU D 28 -23.26 42.86 -4.75
N GLY D 29 -23.79 43.50 -5.80
CA GLY D 29 -24.84 44.49 -5.65
C GLY D 29 -26.22 43.90 -5.33
N VAL D 30 -26.33 42.57 -5.25
CA VAL D 30 -27.61 41.89 -5.28
C VAL D 30 -27.63 40.77 -4.26
N PRO D 31 -28.83 40.30 -3.82
CA PRO D 31 -28.92 39.12 -2.96
C PRO D 31 -28.43 37.85 -3.63
N VAL D 32 -27.83 37.00 -2.80
CA VAL D 32 -27.26 35.72 -3.20
C VAL D 32 -27.96 34.66 -2.36
N GLU D 33 -28.60 33.69 -3.04
CA GLU D 33 -29.45 32.71 -2.39
C GLU D 33 -29.12 31.29 -2.87
N PHE D 34 -29.04 30.37 -1.92
CA PHE D 34 -28.95 28.95 -2.22
C PHE D 34 -30.21 28.48 -2.95
N ALA D 35 -30.04 27.65 -3.98
CA ALA D 35 -31.15 27.12 -4.73
C ALA D 35 -31.08 25.60 -4.74
N GLY D 36 -32.12 24.95 -4.21
CA GLY D 36 -32.25 23.50 -4.32
C GLY D 36 -32.65 23.07 -5.72
N GLU D 37 -32.76 21.75 -5.90
CA GLU D 37 -32.99 21.13 -7.20
C GLU D 37 -34.41 21.32 -7.74
N ASP D 38 -35.29 22.07 -7.04
CA ASP D 38 -36.65 22.33 -7.49
C ASP D 38 -37.01 23.82 -7.42
N GLU D 39 -36.05 24.75 -7.26
CA GLU D 39 -36.33 26.19 -7.32
C GLU D 39 -36.80 26.56 -8.74
N GLN D 40 -37.58 27.65 -8.83
CA GLN D 40 -38.00 28.26 -10.07
C GLN D 40 -37.36 29.65 -10.17
N PHE D 41 -37.23 30.18 -11.39
CA PHE D 41 -36.50 31.41 -11.65
C PHE D 41 -37.34 32.33 -12.55
N GLY D 42 -36.84 33.55 -12.77
CA GLY D 42 -37.56 34.53 -13.56
C GLY D 42 -36.74 35.78 -13.82
N PRO D 43 -37.34 36.80 -14.46
CA PRO D 43 -36.64 38.03 -14.83
C PRO D 43 -35.83 38.62 -13.67
N GLY D 44 -34.59 39.02 -13.98
CA GLY D 44 -33.70 39.63 -13.00
C GLY D 44 -32.73 38.64 -12.38
N ASP D 45 -33.03 37.33 -12.44
CA ASP D 45 -32.23 36.26 -11.87
C ASP D 45 -31.05 35.78 -12.73
N ALA D 46 -29.92 35.64 -12.02
CA ALA D 46 -28.78 34.89 -12.48
C ALA D 46 -28.67 33.58 -11.68
N VAL D 47 -28.10 32.52 -12.29
CA VAL D 47 -27.95 31.22 -11.63
C VAL D 47 -26.50 30.74 -11.83
N ALA D 48 -25.79 30.39 -10.76
CA ALA D 48 -24.50 29.73 -10.84
C ALA D 48 -24.70 28.24 -10.59
N SER D 49 -24.19 27.39 -11.49
CA SER D 49 -24.45 25.97 -11.38
C SER D 49 -23.30 25.13 -11.95
N PHE D 50 -23.20 23.87 -11.50
CA PHE D 50 -22.30 22.90 -12.09
C PHE D 50 -22.87 22.33 -13.38
N GLY D 51 -24.12 21.85 -13.32
CA GLY D 51 -24.81 21.20 -14.43
C GLY D 51 -26.08 21.96 -14.82
N HIS D 52 -26.75 21.42 -15.84
CA HIS D 52 -27.92 22.06 -16.42
C HIS D 52 -29.21 21.54 -15.78
N ARG D 53 -30.16 22.46 -15.60
CA ARG D 53 -31.55 22.14 -15.28
C ARG D 53 -32.46 23.00 -16.15
N ASP D 54 -33.64 22.47 -16.52
CA ASP D 54 -34.53 23.18 -17.45
C ASP D 54 -35.18 24.42 -16.82
N ALA D 55 -35.30 24.49 -15.49
CA ALA D 55 -35.80 25.66 -14.76
C ALA D 55 -34.95 26.91 -14.96
N PHE D 56 -33.65 26.68 -15.25
CA PHE D 56 -32.72 27.78 -15.48
C PHE D 56 -33.14 28.62 -16.68
N LEU D 57 -33.91 28.04 -17.59
CA LEU D 57 -34.35 28.75 -18.78
C LEU D 57 -35.38 29.86 -18.50
N ASP D 58 -35.81 30.11 -17.24
CA ASP D 58 -36.62 31.30 -16.92
C ASP D 58 -35.73 32.45 -16.43
N ALA D 59 -34.44 32.13 -16.14
CA ALA D 59 -33.53 33.14 -15.66
C ALA D 59 -32.96 33.92 -16.83
N ASP D 60 -32.42 35.11 -16.48
CA ASP D 60 -31.73 35.95 -17.44
C ASP D 60 -30.39 35.32 -17.85
N TRP D 61 -29.76 34.51 -16.96
CA TRP D 61 -28.37 34.15 -17.16
C TRP D 61 -28.01 32.95 -16.28
N VAL D 62 -27.32 31.97 -16.90
CA VAL D 62 -26.68 30.90 -16.15
C VAL D 62 -25.17 31.03 -16.31
N HIS D 63 -24.45 30.94 -15.20
CA HIS D 63 -23.00 30.84 -15.18
C HIS D 63 -22.63 29.41 -14.76
N CYS D 64 -22.09 28.63 -15.71
CA CYS D 64 -21.50 27.33 -15.40
C CYS D 64 -20.20 27.53 -14.66
N ILE D 65 -20.04 26.85 -13.50
CA ILE D 65 -18.87 27.01 -12.65
C ILE D 65 -17.69 26.15 -13.10
N ARG D 66 -17.80 25.53 -14.26
CA ARG D 66 -16.76 24.72 -14.89
C ARG D 66 -16.33 25.41 -16.18
N ALA D 67 -15.11 25.12 -16.64
CA ALA D 67 -14.69 25.58 -17.96
C ALA D 67 -15.44 24.81 -19.04
N GLY D 68 -15.61 23.48 -18.85
CA GLY D 68 -16.28 22.64 -19.85
C GLY D 68 -17.78 22.73 -19.73
N TYR D 69 -18.45 23.06 -20.84
CA TYR D 69 -19.90 23.21 -20.86
C TYR D 69 -20.58 22.19 -21.80
N ASP D 70 -19.86 21.12 -22.16
CA ASP D 70 -20.35 20.09 -23.07
C ASP D 70 -21.59 19.38 -22.54
N GLU D 71 -21.90 19.46 -21.23
CA GLU D 71 -23.12 18.81 -20.70
C GLU D 71 -24.31 19.77 -20.69
N PHE D 72 -24.18 20.99 -21.24
CA PHE D 72 -25.27 21.92 -21.37
C PHE D 72 -25.83 21.85 -22.78
N PRO D 73 -27.18 21.85 -22.92
CA PRO D 73 -27.82 21.90 -24.25
C PRO D 73 -27.84 23.33 -24.78
N VAL D 74 -26.74 23.73 -25.43
CA VAL D 74 -26.50 25.10 -25.85
C VAL D 74 -27.60 25.61 -26.79
N GLY D 75 -28.10 24.73 -27.67
CA GLY D 75 -29.18 25.04 -28.59
C GLY D 75 -30.46 25.49 -27.91
N VAL D 76 -30.79 24.92 -26.73
CA VAL D 76 -32.04 25.21 -26.05
C VAL D 76 -31.94 26.56 -25.33
N TYR D 77 -30.74 26.91 -24.82
CA TYR D 77 -30.47 28.22 -24.21
C TYR D 77 -30.75 29.34 -25.22
N GLU D 78 -30.22 29.17 -26.45
CA GLU D 78 -30.36 30.20 -27.48
C GLU D 78 -31.84 30.45 -27.76
N GLU D 79 -32.62 29.36 -27.94
CA GLU D 79 -34.07 29.39 -28.08
C GLU D 79 -34.75 30.25 -27.00
N ALA D 80 -34.36 30.06 -25.74
CA ALA D 80 -35.06 30.68 -24.61
C ALA D 80 -34.57 32.10 -24.31
N GLY D 81 -33.49 32.57 -24.96
CA GLY D 81 -32.89 33.88 -24.66
C GLY D 81 -32.15 33.92 -23.32
N THR D 82 -31.85 32.75 -22.73
CA THR D 82 -31.06 32.69 -21.51
C THR D 82 -29.59 32.71 -21.88
N TYR D 83 -28.86 33.68 -21.30
CA TYR D 83 -27.41 33.76 -21.50
C TYR D 83 -26.73 32.58 -20.82
N LEU D 84 -25.65 32.07 -21.40
CA LEU D 84 -24.85 31.02 -20.75
C LEU D 84 -23.39 31.43 -20.82
N THR D 85 -22.72 31.43 -19.66
CA THR D 85 -21.29 31.67 -19.60
C THR D 85 -20.65 30.46 -18.94
N ASN D 86 -19.33 30.32 -19.14
CA ASN D 86 -18.56 29.30 -18.49
C ASN D 86 -17.40 29.94 -17.70
N SER D 87 -16.62 29.08 -17.04
CA SER D 87 -15.55 29.53 -16.14
C SER D 87 -14.16 29.33 -16.72
N THR D 88 -14.01 29.30 -18.05
CA THR D 88 -12.68 29.29 -18.65
CA THR D 88 -12.69 29.29 -18.67
C THR D 88 -11.91 30.52 -18.19
N GLY D 89 -10.61 30.32 -18.06
CA GLY D 89 -9.71 31.40 -17.73
C GLY D 89 -9.14 31.35 -16.31
N ILE D 90 -9.66 30.47 -15.46
CA ILE D 90 -9.29 30.44 -14.05
C ILE D 90 -8.49 29.21 -13.66
N HIS D 91 -8.20 28.28 -14.56
CA HIS D 91 -7.62 26.99 -14.20
C HIS D 91 -6.19 26.82 -14.69
N GLY D 92 -5.59 27.90 -15.21
CA GLY D 92 -4.28 27.75 -15.84
C GLY D 92 -3.19 27.40 -14.83
N THR D 93 -3.21 28.02 -13.64
CA THR D 93 -2.17 27.75 -12.64
C THR D 93 -2.34 26.37 -12.00
N THR D 94 -3.56 26.04 -11.58
CA THR D 94 -3.81 24.73 -10.97
C THR D 94 -3.46 23.58 -11.93
N VAL D 95 -4.02 23.63 -13.15
CA VAL D 95 -3.79 22.54 -14.08
C VAL D 95 -2.35 22.56 -14.57
N GLY D 96 -1.82 23.76 -14.85
CA GLY D 96 -0.42 23.83 -15.24
C GLY D 96 0.52 23.18 -14.23
N GLU D 97 0.29 23.50 -12.95
CA GLU D 97 1.08 22.89 -11.87
C GLU D 97 0.86 21.38 -11.78
N THR D 98 -0.39 20.92 -11.88
CA THR D 98 -0.64 19.49 -11.85
C THR D 98 0.11 18.76 -12.95
N VAL D 99 0.03 19.30 -14.18
CA VAL D 99 0.65 18.63 -15.30
C VAL D 99 2.16 18.68 -15.21
N ALA D 100 2.74 19.80 -14.77
CA ALA D 100 4.16 19.81 -14.48
C ALA D 100 4.48 18.69 -13.48
N GLY D 101 3.63 18.55 -12.46
CA GLY D 101 3.82 17.51 -11.47
C GLY D 101 3.77 16.11 -12.04
N TYR D 102 2.84 15.86 -12.97
CA TYR D 102 2.78 14.56 -13.63
C TYR D 102 4.07 14.29 -14.40
N MET D 103 4.50 15.29 -15.19
CA MET D 103 5.68 15.09 -16.01
C MET D 103 6.93 14.85 -15.15
N LEU D 104 7.09 15.67 -14.09
CA LEU D 104 8.22 15.48 -13.18
C LEU D 104 8.15 14.17 -12.41
N THR D 105 6.92 13.71 -12.13
CA THR D 105 6.76 12.40 -11.50
C THR D 105 7.35 11.31 -12.39
N PHE D 106 6.98 11.34 -13.68
CA PHE D 106 7.47 10.35 -14.60
C PHE D 106 8.98 10.48 -14.81
N ALA D 107 9.48 11.69 -15.01
CA ALA D 107 10.90 11.91 -15.27
C ALA D 107 11.78 11.43 -14.12
N ARG D 108 11.32 11.78 -12.91
CA ARG D 108 12.12 11.60 -11.71
C ARG D 108 11.76 10.30 -11.00
N ARG D 109 10.74 9.56 -11.50
CA ARG D 109 10.29 8.25 -11.02
C ARG D 109 9.65 8.32 -9.63
N LEU D 110 9.00 9.44 -9.30
CA LEU D 110 8.49 9.61 -7.94
C LEU D 110 7.37 8.59 -7.64
N HIS D 111 6.56 8.24 -8.63
CA HIS D 111 5.49 7.28 -8.37
C HIS D 111 6.00 5.89 -8.04
N ALA D 112 7.07 5.48 -8.71
CA ALA D 112 7.71 4.22 -8.39
C ALA D 112 8.26 4.24 -6.98
N TYR D 113 8.88 5.36 -6.57
CA TYR D 113 9.39 5.43 -5.21
C TYR D 113 8.23 5.43 -4.19
N ARG D 114 7.11 6.03 -4.53
CA ARG D 114 5.96 5.98 -3.63
C ARG D 114 5.47 4.56 -3.43
N ASP D 115 5.38 3.79 -4.51
CA ASP D 115 4.96 2.40 -4.42
C ASP D 115 5.92 1.65 -3.52
N ALA D 116 7.23 1.82 -3.68
CA ALA D 116 8.23 1.16 -2.86
C ALA D 116 8.11 1.58 -1.40
N GLN D 117 7.73 2.84 -1.16
CA GLN D 117 7.62 3.35 0.19
C GLN D 117 6.62 2.52 0.98
N HIS D 118 5.50 2.16 0.36
CA HIS D 118 4.51 1.31 1.04
C HIS D 118 5.10 -0.03 1.48
N ASP D 119 6.05 -0.55 0.73
CA ASP D 119 6.68 -1.83 1.03
C ASP D 119 7.96 -1.68 1.85
N HIS D 120 8.34 -0.44 2.24
CA HIS D 120 9.60 -0.18 2.93
CA HIS D 120 9.59 -0.19 2.94
C HIS D 120 10.78 -0.75 2.17
N ALA D 121 10.72 -0.63 0.84
CA ALA D 121 11.73 -1.21 -0.03
C ALA D 121 12.60 -0.07 -0.56
N TRP D 122 13.90 -0.22 -0.43
CA TRP D 122 14.89 0.70 -0.97
C TRP D 122 15.24 0.19 -2.37
N ASP D 123 14.39 0.53 -3.33
CA ASP D 123 14.45 -0.05 -4.67
C ASP D 123 15.02 1.01 -5.61
N LEU D 124 16.22 0.76 -6.10
CA LEU D 124 16.88 1.72 -6.98
C LEU D 124 16.28 1.57 -8.37
N PRO D 125 16.13 2.67 -9.12
CA PRO D 125 15.63 2.56 -10.48
C PRO D 125 16.68 1.89 -11.35
N ARG D 126 16.23 1.30 -12.47
CA ARG D 126 17.24 0.92 -13.45
C ARG D 126 17.89 2.21 -13.98
N TYR D 127 19.14 2.08 -14.39
CA TYR D 127 19.89 3.28 -14.77
C TYR D 127 19.18 4.09 -15.85
N GLU D 128 18.56 3.41 -16.81
CA GLU D 128 17.93 4.04 -17.95
C GLU D 128 16.65 4.79 -17.59
N GLU D 129 16.11 4.60 -16.37
CA GLU D 129 14.76 5.12 -16.10
C GLU D 129 14.72 6.61 -15.81
N PRO D 130 15.54 7.16 -14.89
CA PRO D 130 15.41 8.57 -14.52
C PRO D 130 15.93 9.48 -15.66
N PHE D 131 15.20 10.56 -15.93
CA PHE D 131 15.62 11.51 -16.95
C PHE D 131 15.23 12.91 -16.48
N THR D 132 15.62 13.93 -17.28
CA THR D 132 15.19 15.28 -17.00
C THR D 132 14.20 15.76 -18.03
N LEU D 133 13.22 16.52 -17.59
CA LEU D 133 12.34 17.23 -18.51
C LEU D 133 13.12 18.21 -19.37
N ALA D 134 14.13 18.86 -18.80
CA ALA D 134 14.99 19.74 -19.61
C ALA D 134 15.45 18.98 -20.85
N GLY D 135 15.23 19.57 -22.04
CA GLY D 135 15.64 18.94 -23.28
C GLY D 135 14.66 17.97 -23.89
N GLU D 136 13.62 17.60 -23.18
CA GLU D 136 12.62 16.68 -23.71
C GLU D 136 11.50 17.46 -24.39
N ARG D 137 10.80 16.79 -25.29
CA ARG D 137 9.73 17.43 -26.05
C ARG D 137 8.36 17.13 -25.51
N VAL D 138 7.53 18.16 -25.38
CA VAL D 138 6.12 17.99 -25.05
C VAL D 138 5.27 18.60 -26.16
N CYS D 139 4.19 17.92 -26.51
CA CYS D 139 3.18 18.40 -27.48
C CYS D 139 1.89 18.67 -26.69
N VAL D 140 1.44 19.94 -26.68
CA VAL D 140 0.24 20.34 -25.97
C VAL D 140 -0.89 20.55 -26.98
N VAL D 141 -1.91 19.69 -26.89
CA VAL D 141 -3.07 19.67 -27.78
C VAL D 141 -4.15 20.50 -27.11
N GLY D 142 -4.43 21.70 -27.65
CA GLY D 142 -5.28 22.64 -26.99
C GLY D 142 -4.41 23.70 -26.31
N LEU D 143 -4.50 24.95 -26.77
CA LEU D 143 -3.62 26.02 -26.34
C LEU D 143 -4.40 27.23 -25.87
N GLY D 144 -5.38 26.98 -25.02
CA GLY D 144 -6.13 28.01 -24.31
C GLY D 144 -5.60 28.11 -22.88
N THR D 145 -6.52 28.35 -21.96
CA THR D 145 -6.10 28.55 -20.57
C THR D 145 -5.30 27.37 -20.02
N LEU D 146 -5.90 26.16 -20.13
CA LEU D 146 -5.17 25.00 -19.63
C LEU D 146 -3.86 24.77 -20.38
N GLY D 147 -3.94 24.78 -21.70
CA GLY D 147 -2.76 24.41 -22.46
C GLY D 147 -1.64 25.42 -22.25
N ARG D 148 -1.95 26.72 -22.16
CA ARG D 148 -0.91 27.69 -21.95
CA ARG D 148 -0.93 27.73 -21.93
C ARG D 148 -0.34 27.62 -20.52
N GLY D 149 -1.17 27.24 -19.54
CA GLY D 149 -0.64 27.00 -18.20
C GLY D 149 0.41 25.90 -18.21
N VAL D 150 0.14 24.84 -19.01
CA VAL D 150 1.10 23.77 -19.19
C VAL D 150 2.35 24.25 -19.93
N VAL D 151 2.12 24.85 -21.08
CA VAL D 151 3.22 25.35 -21.93
C VAL D 151 4.18 26.26 -21.17
N ASP D 152 3.63 27.21 -20.42
CA ASP D 152 4.51 28.20 -19.82
C ASP D 152 5.44 27.52 -18.81
N ARG D 153 4.92 26.54 -18.07
CA ARG D 153 5.72 25.83 -17.06
C ARG D 153 6.70 24.86 -17.73
N ALA D 154 6.26 24.15 -18.80
CA ALA D 154 7.15 23.27 -19.53
C ALA D 154 8.34 24.07 -20.10
N ALA D 155 8.02 25.22 -20.72
CA ALA D 155 9.05 26.03 -21.33
C ALA D 155 10.04 26.51 -20.26
N ALA D 156 9.54 26.90 -19.10
CA ALA D 156 10.43 27.36 -18.04
C ALA D 156 11.34 26.24 -17.51
N LEU D 157 10.83 25.00 -17.54
CA LEU D 157 11.65 23.86 -17.14
C LEU D 157 12.61 23.41 -18.22
N GLY D 158 12.68 24.11 -19.37
CA GLY D 158 13.67 23.78 -20.37
C GLY D 158 13.20 22.78 -21.41
N MET D 159 11.90 22.48 -21.43
CA MET D 159 11.39 21.52 -22.40
C MET D 159 11.29 22.15 -23.79
N GLU D 160 11.34 21.34 -24.83
CA GLU D 160 10.98 21.74 -26.19
C GLU D 160 9.47 21.62 -26.27
N VAL D 161 8.79 22.72 -26.62
CA VAL D 161 7.34 22.74 -26.59
C VAL D 161 6.79 22.89 -28.01
N VAL D 162 5.91 21.98 -28.42
CA VAL D 162 5.12 22.14 -29.62
C VAL D 162 3.66 22.00 -29.24
N GLY D 163 2.73 22.32 -30.16
CA GLY D 163 1.34 22.15 -29.80
C GLY D 163 0.41 22.26 -30.99
N VAL D 164 -0.87 22.14 -30.69
CA VAL D 164 -1.93 22.06 -31.68
C VAL D 164 -3.07 22.97 -31.20
N ARG D 165 -3.69 23.71 -32.11
CA ARG D 165 -4.95 24.39 -31.77
C ARG D 165 -5.74 24.53 -33.05
N ARG D 166 -7.00 24.99 -32.93
CA ARG D 166 -7.86 24.97 -34.11
C ARG D 166 -7.25 25.74 -35.28
N SER D 167 -6.70 26.93 -35.03
CA SER D 167 -6.20 27.80 -36.08
C SER D 167 -4.80 27.38 -36.55
N GLY D 168 -4.09 26.65 -35.70
CA GLY D 168 -2.67 26.37 -35.92
C GLY D 168 -1.74 27.57 -35.81
N ASP D 169 -2.24 28.71 -35.31
CA ASP D 169 -1.42 29.90 -35.26
C ASP D 169 -0.54 29.99 -34.01
N PRO D 170 0.52 30.84 -34.05
CA PRO D 170 1.49 30.92 -32.96
C PRO D 170 0.90 31.15 -31.57
N VAL D 171 1.64 30.68 -30.56
CA VAL D 171 1.33 30.84 -29.15
C VAL D 171 2.63 31.04 -28.38
N ASP D 172 2.66 32.07 -27.55
CA ASP D 172 3.77 32.38 -26.65
C ASP D 172 4.30 31.09 -26.02
N ASN D 173 5.62 30.89 -26.10
CA ASN D 173 6.35 29.78 -25.49
C ASN D 173 6.16 28.44 -26.20
N VAL D 174 5.53 28.47 -27.38
CA VAL D 174 5.39 27.27 -28.19
C VAL D 174 6.28 27.45 -29.41
N SER D 175 7.22 26.53 -29.67
CA SER D 175 8.15 26.73 -30.77
CA SER D 175 8.16 26.65 -30.77
C SER D 175 7.49 26.48 -32.12
N THR D 176 6.61 25.47 -32.20
CA THR D 176 5.90 25.18 -33.43
C THR D 176 4.47 24.83 -33.07
N VAL D 177 3.52 25.49 -33.75
CA VAL D 177 2.10 25.19 -33.60
C VAL D 177 1.60 24.57 -34.91
N TYR D 178 0.79 23.51 -34.76
CA TYR D 178 0.19 22.76 -35.85
C TYR D 178 -1.32 22.90 -35.84
N THR D 179 -1.96 22.84 -37.02
CA THR D 179 -3.40 22.70 -37.10
C THR D 179 -3.79 21.29 -36.68
N PRO D 180 -5.10 21.05 -36.42
CA PRO D 180 -5.50 19.72 -35.97
C PRO D 180 -5.26 18.61 -36.96
N ASP D 181 -5.28 18.93 -38.27
N ASP D 181 -5.30 18.93 -38.27
CA ASP D 181 -5.05 17.95 -39.32
CA ASP D 181 -5.04 17.95 -39.31
C ASP D 181 -3.59 17.53 -39.39
C ASP D 181 -3.60 17.43 -39.27
N ARG D 182 -2.69 18.18 -38.61
CA ARG D 182 -1.30 17.77 -38.50
C ARG D 182 -1.01 17.25 -37.09
N LEU D 183 -2.03 16.69 -36.42
CA LEU D 183 -1.85 16.10 -35.11
C LEU D 183 -0.74 15.06 -35.12
N HIS D 184 -0.72 14.15 -36.10
CA HIS D 184 0.24 13.05 -36.06
C HIS D 184 1.66 13.59 -36.14
N GLU D 185 1.92 14.60 -37.00
CA GLU D 185 3.24 15.25 -37.01
C GLU D 185 3.56 15.84 -35.64
N ALA D 186 2.58 16.50 -35.05
CA ALA D 186 2.79 17.17 -33.78
C ALA D 186 3.15 16.23 -32.65
N ILE D 187 2.57 15.00 -32.65
CA ILE D 187 2.75 14.11 -31.51
C ILE D 187 3.90 13.15 -31.72
N ALA D 188 4.36 12.95 -32.97
CA ALA D 188 5.20 11.79 -33.28
C ALA D 188 6.50 11.74 -32.50
N ASP D 189 7.10 12.90 -32.23
CA ASP D 189 8.42 12.92 -31.64
C ASP D 189 8.38 13.41 -30.19
N ALA D 190 7.19 13.46 -29.58
CA ALA D 190 7.02 14.02 -28.26
C ALA D 190 7.23 12.96 -27.16
N ARG D 191 7.91 13.31 -26.08
CA ARG D 191 7.99 12.44 -24.90
CA ARG D 191 7.99 12.44 -24.90
C ARG D 191 6.69 12.47 -24.09
N PHE D 192 5.97 13.62 -24.14
CA PHE D 192 4.71 13.79 -23.46
C PHE D 192 3.74 14.39 -24.48
N VAL D 193 2.48 13.92 -24.47
CA VAL D 193 1.39 14.48 -25.23
C VAL D 193 0.32 14.86 -24.24
N VAL D 194 -0.01 16.14 -24.16
CA VAL D 194 -0.95 16.66 -23.20
C VAL D 194 -2.23 17.12 -23.87
N LEU D 195 -3.38 16.62 -23.42
CA LEU D 195 -4.69 16.98 -23.98
C LEU D 195 -5.34 18.03 -23.10
N ALA D 196 -5.76 19.13 -23.74
CA ALA D 196 -6.28 20.31 -23.06
C ALA D 196 -7.32 21.01 -23.93
N THR D 197 -8.11 20.22 -24.69
CA THR D 197 -9.18 20.69 -25.57
C THR D 197 -10.51 20.54 -24.87
N PRO D 198 -11.54 21.33 -25.25
CA PRO D 198 -12.92 21.00 -24.88
C PRO D 198 -13.31 19.68 -25.52
N LEU D 199 -14.40 19.12 -25.01
CA LEU D 199 -15.06 18.00 -25.67
C LEU D 199 -16.10 18.57 -26.65
N THR D 200 -15.84 18.34 -27.93
CA THR D 200 -16.69 18.81 -29.00
C THR D 200 -16.93 17.66 -30.00
N ASP D 201 -17.80 17.92 -30.99
CA ASP D 201 -18.00 17.10 -32.16
C ASP D 201 -16.67 16.66 -32.76
N GLU D 202 -15.75 17.63 -32.90
CA GLU D 202 -14.48 17.38 -33.57
C GLU D 202 -13.48 16.65 -32.66
N THR D 203 -13.47 16.91 -31.32
CA THR D 203 -12.41 16.41 -30.46
C THR D 203 -12.74 15.03 -29.90
N GLU D 204 -14.02 14.60 -29.93
CA GLU D 204 -14.36 13.30 -29.34
C GLU D 204 -13.67 12.21 -30.13
N GLY D 205 -12.98 11.31 -29.40
CA GLY D 205 -12.27 10.23 -30.00
C GLY D 205 -11.03 10.58 -30.81
N MET D 206 -10.51 11.79 -30.63
CA MET D 206 -9.32 12.27 -31.32
C MET D 206 -8.12 11.36 -31.14
N VAL D 207 -7.93 10.86 -29.91
CA VAL D 207 -6.75 10.09 -29.57
C VAL D 207 -7.19 8.64 -29.34
N ALA D 208 -6.79 7.80 -30.30
CA ALA D 208 -7.20 6.41 -30.35
C ALA D 208 -6.03 5.57 -30.84
N ALA D 209 -6.28 4.30 -31.14
CA ALA D 209 -5.23 3.34 -31.52
C ALA D 209 -4.25 3.95 -32.53
N PRO D 210 -4.70 4.63 -33.62
CA PRO D 210 -3.72 5.11 -34.59
C PRO D 210 -2.76 6.14 -34.06
N GLU D 211 -3.26 6.98 -33.17
CA GLU D 211 -2.43 7.98 -32.53
C GLU D 211 -1.42 7.35 -31.55
N PHE D 212 -1.83 6.27 -30.86
CA PHE D 212 -0.87 5.58 -30.00
C PHE D 212 0.19 4.86 -30.83
N GLU D 213 -0.17 4.35 -32.02
CA GLU D 213 0.82 3.83 -32.95
C GLU D 213 1.86 4.91 -33.28
N THR D 214 1.40 6.08 -33.73
CA THR D 214 2.28 7.16 -34.11
C THR D 214 3.17 7.62 -32.95
N MET D 215 2.62 7.69 -31.72
CA MET D 215 3.41 8.14 -30.58
C MET D 215 4.63 7.24 -30.35
N ARG D 216 5.65 7.84 -29.77
CA ARG D 216 6.83 7.11 -29.36
C ARG D 216 6.45 6.07 -28.31
N GLU D 217 7.17 4.92 -28.35
CA GLU D 217 6.93 3.89 -27.37
C GLU D 217 7.35 4.29 -25.95
N ASP D 218 8.25 5.27 -25.82
CA ASP D 218 8.64 5.79 -24.53
C ASP D 218 7.81 6.98 -24.06
N ALA D 219 6.77 7.32 -24.80
CA ALA D 219 6.00 8.53 -24.50
C ALA D 219 4.87 8.26 -23.51
N SER D 220 4.42 9.34 -22.88
CA SER D 220 3.30 9.31 -21.96
C SER D 220 2.20 10.28 -22.44
N LEU D 221 0.95 9.82 -22.33
CA LEU D 221 -0.22 10.67 -22.57
C LEU D 221 -0.68 11.32 -21.27
N VAL D 222 -1.01 12.60 -21.29
CA VAL D 222 -1.63 13.30 -20.17
C VAL D 222 -3.00 13.76 -20.63
N ASN D 223 -4.08 13.39 -19.92
CA ASN D 223 -5.40 13.85 -20.25
C ASN D 223 -5.97 14.62 -19.06
N VAL D 224 -6.07 15.95 -19.23
CA VAL D 224 -6.72 16.84 -18.29
C VAL D 224 -7.93 17.52 -18.90
N ALA D 225 -8.40 17.02 -20.06
CA ALA D 225 -9.45 17.68 -20.84
C ALA D 225 -10.82 17.08 -20.48
N ARG D 226 -11.24 16.09 -21.25
CA ARG D 226 -12.41 15.27 -21.00
C ARG D 226 -12.05 13.85 -21.41
N GLY D 227 -12.63 12.88 -20.69
CA GLY D 227 -12.34 11.47 -20.99
C GLY D 227 -12.53 11.12 -22.44
N PRO D 228 -13.71 11.46 -23.02
CA PRO D 228 -13.99 11.00 -24.37
C PRO D 228 -13.17 11.57 -25.52
N VAL D 229 -12.25 12.51 -25.24
CA VAL D 229 -11.27 12.93 -26.21
C VAL D 229 -10.38 11.75 -26.57
N VAL D 230 -10.19 10.82 -25.63
CA VAL D 230 -9.51 9.57 -25.82
C VAL D 230 -10.49 8.42 -25.94
N VAL D 231 -10.12 7.44 -26.80
CA VAL D 231 -10.86 6.19 -26.85
C VAL D 231 -10.25 5.28 -25.80
N GLU D 232 -10.95 5.21 -24.66
CA GLU D 232 -10.38 4.66 -23.44
C GLU D 232 -9.92 3.22 -23.63
N SER D 233 -10.70 2.41 -24.34
CA SER D 233 -10.33 1.01 -24.54
C SER D 233 -9.08 0.85 -25.43
N ASP D 234 -8.91 1.78 -26.37
CA ASP D 234 -7.70 1.81 -27.16
C ASP D 234 -6.49 2.19 -26.30
N LEU D 235 -6.69 3.12 -25.36
CA LEU D 235 -5.59 3.46 -24.46
C LEU D 235 -5.17 2.25 -23.66
N VAL D 236 -6.14 1.50 -23.11
CA VAL D 236 -5.80 0.26 -22.38
C VAL D 236 -4.98 -0.67 -23.26
N ALA D 237 -5.45 -0.89 -24.50
CA ALA D 237 -4.80 -1.81 -25.42
C ALA D 237 -3.38 -1.32 -25.74
N ALA D 238 -3.20 -0.02 -25.93
CA ALA D 238 -1.90 0.55 -26.25
C ALA D 238 -0.92 0.36 -25.09
N LEU D 239 -1.42 0.54 -23.85
CA LEU D 239 -0.57 0.38 -22.69
C LEU D 239 -0.18 -1.08 -22.56
N ASP D 240 -1.12 -2.00 -22.74
CA ASP D 240 -0.84 -3.42 -22.71
C ASP D 240 0.21 -3.83 -23.75
N SER D 241 0.12 -3.27 -24.97
CA SER D 241 0.98 -3.69 -26.07
C SER D 241 2.33 -2.96 -26.04
N GLY D 242 2.45 -1.87 -25.24
CA GLY D 242 3.68 -1.08 -25.22
C GLY D 242 3.77 -0.11 -26.39
N ASP D 243 2.62 0.24 -27.01
CA ASP D 243 2.63 1.26 -28.04
C ASP D 243 3.02 2.65 -27.52
N ILE D 244 2.71 2.89 -26.24
CA ILE D 244 3.20 4.04 -25.46
C ILE D 244 3.58 3.51 -24.07
N ALA D 245 4.28 4.30 -23.29
CA ALA D 245 4.80 3.86 -22.02
C ALA D 245 3.82 4.02 -20.87
N GLY D 246 2.98 5.03 -20.89
CA GLY D 246 2.20 5.33 -19.71
C GLY D 246 1.33 6.54 -19.93
N ALA D 247 0.67 6.99 -18.88
CA ALA D 247 -0.30 8.06 -18.97
C ALA D 247 -0.56 8.65 -17.60
N ALA D 248 -0.88 9.94 -17.57
CA ALA D 248 -1.41 10.59 -16.40
C ALA D 248 -2.81 11.07 -16.75
N LEU D 249 -3.82 10.57 -16.05
CA LEU D 249 -5.21 10.74 -16.43
C LEU D 249 -5.99 11.31 -15.27
N ASP D 250 -6.62 12.46 -15.48
CA ASP D 250 -7.49 13.14 -14.54
C ASP D 250 -8.96 13.02 -14.87
N VAL D 251 -9.26 12.63 -16.10
CA VAL D 251 -10.62 12.62 -16.62
C VAL D 251 -10.81 11.31 -17.39
N PHE D 252 -12.06 10.85 -17.43
CA PHE D 252 -12.37 9.50 -17.90
C PHE D 252 -13.74 9.52 -18.59
N SER D 253 -13.98 8.49 -19.41
CA SER D 253 -15.25 8.43 -20.12
C SER D 253 -16.43 8.21 -19.18
N GLU D 254 -16.19 7.51 -18.07
CA GLU D 254 -17.16 7.39 -16.99
C GLU D 254 -16.45 7.79 -15.70
N GLU D 255 -17.04 8.75 -14.99
CA GLU D 255 -16.51 9.24 -13.73
C GLU D 255 -17.58 9.05 -12.68
N PRO D 256 -17.24 8.64 -11.46
CA PRO D 256 -15.93 8.11 -11.08
C PRO D 256 -15.50 6.95 -11.96
N LEU D 257 -14.20 6.84 -12.16
CA LEU D 257 -13.65 5.75 -12.94
C LEU D 257 -14.06 4.44 -12.25
N PRO D 258 -14.77 3.51 -12.92
CA PRO D 258 -15.13 2.25 -12.26
C PRO D 258 -13.90 1.53 -11.70
N GLU D 259 -14.10 0.89 -10.55
CA GLU D 259 -12.99 0.21 -9.89
C GLU D 259 -12.38 -0.87 -10.79
N ASP D 260 -13.14 -1.44 -11.73
CA ASP D 260 -12.62 -2.50 -12.59
C ASP D 260 -12.06 -2.00 -13.92
N SER D 261 -11.80 -0.70 -14.07
CA SER D 261 -11.07 -0.23 -15.23
C SER D 261 -9.67 -0.80 -15.13
N PRO D 262 -9.11 -1.34 -16.23
CA PRO D 262 -7.71 -1.76 -16.23
C PRO D 262 -6.75 -0.61 -15.94
N LEU D 263 -7.18 0.65 -16.15
CA LEU D 263 -6.26 1.77 -16.01
C LEU D 263 -5.65 1.88 -14.62
N TRP D 264 -6.36 1.50 -13.55
CA TRP D 264 -5.87 1.60 -12.19
C TRP D 264 -4.55 0.83 -12.03
N ASP D 265 -4.44 -0.30 -12.76
CA ASP D 265 -3.42 -1.30 -12.43
C ASP D 265 -2.06 -1.13 -13.11
N PHE D 266 -1.93 -0.21 -14.06
CA PHE D 266 -0.65 0.01 -14.69
C PHE D 266 0.29 0.81 -13.80
N GLU D 267 1.52 0.31 -13.65
CA GLU D 267 2.51 1.01 -12.85
C GLU D 267 2.70 2.43 -13.38
N ASP D 268 2.83 2.59 -14.70
CA ASP D 268 3.17 3.89 -15.28
C ASP D 268 1.91 4.63 -15.72
N VAL D 269 0.77 4.33 -15.12
CA VAL D 269 -0.39 5.23 -15.17
C VAL D 269 -0.56 5.89 -13.82
N LEU D 270 -0.79 7.22 -13.86
CA LEU D 270 -1.27 7.98 -12.72
C LEU D 270 -2.75 8.27 -12.88
N ILE D 271 -3.57 7.82 -11.93
CA ILE D 271 -4.97 8.19 -11.89
C ILE D 271 -5.17 9.30 -10.88
N THR D 272 -5.85 10.38 -11.27
CA THR D 272 -6.26 11.40 -10.32
C THR D 272 -7.75 11.65 -10.54
N PRO D 273 -8.50 11.91 -9.46
CA PRO D 273 -9.97 11.88 -9.57
C PRO D 273 -10.63 13.20 -9.97
N HIS D 274 -10.29 13.66 -11.20
CA HIS D 274 -10.79 14.94 -11.70
C HIS D 274 -10.53 16.10 -10.74
N VAL D 275 -9.26 16.27 -10.39
CA VAL D 275 -8.79 17.20 -9.39
C VAL D 275 -7.57 17.96 -9.85
N SER D 276 -7.22 17.93 -11.16
CA SER D 276 -6.07 18.68 -11.63
C SER D 276 -6.26 20.18 -11.46
N ALA D 277 -7.50 20.66 -11.35
CA ALA D 277 -7.81 22.08 -11.16
C ALA D 277 -8.25 22.37 -9.73
N ALA D 278 -8.14 21.38 -8.82
CA ALA D 278 -8.64 21.60 -7.48
C ALA D 278 -7.84 22.68 -6.78
N THR D 279 -8.52 23.49 -5.99
CA THR D 279 -7.90 24.56 -5.24
C THR D 279 -8.79 24.97 -4.08
N SER D 280 -8.18 25.17 -2.89
CA SER D 280 -8.90 25.70 -1.74
C SER D 280 -9.43 27.12 -1.91
N LYS D 281 -9.13 27.80 -3.04
CA LYS D 281 -9.63 29.13 -3.30
CA LYS D 281 -9.67 29.13 -3.28
C LYS D 281 -10.59 29.16 -4.48
N TYR D 282 -11.10 27.99 -4.89
CA TYR D 282 -11.95 27.97 -6.09
C TYR D 282 -13.16 28.89 -5.98
N HIS D 283 -13.75 28.95 -4.80
CA HIS D 283 -14.90 29.82 -4.54
C HIS D 283 -14.59 31.27 -4.92
N GLU D 284 -13.39 31.75 -4.56
CA GLU D 284 -13.00 33.12 -4.86
C GLU D 284 -12.74 33.28 -6.34
N ASP D 285 -12.12 32.28 -6.97
CA ASP D 285 -11.76 32.37 -8.37
C ASP D 285 -13.03 32.45 -9.23
N VAL D 286 -14.04 31.63 -8.91
CA VAL D 286 -15.28 31.70 -9.66
C VAL D 286 -16.05 32.97 -9.33
N ALA D 287 -16.07 33.37 -8.06
CA ALA D 287 -16.79 34.59 -7.68
C ALA D 287 -16.28 35.81 -8.44
N ALA D 288 -14.97 35.88 -8.71
CA ALA D 288 -14.41 37.01 -9.48
C ALA D 288 -15.01 37.09 -10.86
N LEU D 289 -15.23 35.94 -11.50
CA LEU D 289 -15.82 35.93 -12.83
C LEU D 289 -17.25 36.45 -12.77
N ILE D 290 -18.01 35.98 -11.78
CA ILE D 290 -19.38 36.40 -11.58
C ILE D 290 -19.42 37.93 -11.41
N ARG D 291 -18.53 38.47 -10.58
CA ARG D 291 -18.51 39.91 -10.34
C ARG D 291 -18.25 40.65 -11.67
N GLU D 292 -17.32 40.11 -12.47
CA GLU D 292 -16.98 40.72 -13.73
C GLU D 292 -18.19 40.76 -14.66
N ASN D 293 -18.94 39.65 -14.73
CA ASN D 293 -20.08 39.58 -15.64
C ASN D 293 -21.30 40.36 -15.15
N ILE D 294 -21.52 40.46 -13.83
CA ILE D 294 -22.58 41.29 -13.31
C ILE D 294 -22.37 42.72 -13.79
N GLU D 295 -21.12 43.17 -13.76
CA GLU D 295 -20.74 44.52 -14.15
C GLU D 295 -20.86 44.69 -15.67
N LYS D 296 -20.49 43.67 -16.46
CA LYS D 296 -20.65 43.74 -17.91
C LYS D 296 -22.14 43.93 -18.28
N ILE D 297 -23.01 43.16 -17.60
CA ILE D 297 -24.44 43.26 -17.81
C ILE D 297 -24.87 44.69 -17.49
N ALA D 298 -24.48 45.22 -16.34
CA ALA D 298 -24.90 46.55 -15.93
C ALA D 298 -24.48 47.61 -16.95
N THR D 299 -23.31 47.48 -17.62
CA THR D 299 -22.80 48.46 -18.55
C THR D 299 -23.23 48.20 -20.00
N GLY D 300 -23.85 47.03 -20.26
CA GLY D 300 -24.20 46.61 -21.61
C GLY D 300 -22.98 46.18 -22.42
N ASP D 301 -21.86 45.84 -21.73
CA ASP D 301 -20.67 45.37 -22.41
C ASP D 301 -20.83 43.88 -22.70
N GLU D 302 -20.02 43.39 -23.63
CA GLU D 302 -19.98 41.98 -23.98
C GLU D 302 -19.57 41.16 -22.76
N LEU D 303 -20.31 40.08 -22.45
CA LEU D 303 -20.00 39.23 -21.32
C LEU D 303 -18.73 38.44 -21.59
N THR D 304 -18.01 38.08 -20.51
CA THR D 304 -16.85 37.22 -20.58
C THR D 304 -17.32 35.77 -20.65
N ASN D 305 -16.75 34.99 -21.58
CA ASN D 305 -16.99 33.55 -21.71
C ASN D 305 -18.45 33.27 -22.02
N ARG D 306 -19.09 34.12 -22.82
CA ARG D 306 -20.45 33.81 -23.26
C ARG D 306 -20.44 32.75 -24.36
N VAL D 307 -21.20 31.70 -24.11
CA VAL D 307 -21.33 30.56 -25.01
C VAL D 307 -22.49 30.81 -25.98
N VAL D 308 -23.66 31.21 -25.44
CA VAL D 308 -24.81 31.62 -26.23
C VAL D 308 -25.60 32.69 -25.46
#